data_9OQ6
#
_entry.id   9OQ6
#
_cell.length_a   1.00
_cell.length_b   1.00
_cell.length_c   1.00
_cell.angle_alpha   90.00
_cell.angle_beta   90.00
_cell.angle_gamma   90.00
#
_symmetry.space_group_name_H-M   'P 1'
#
loop_
_entity.id
_entity.type
_entity.pdbx_description
1 polymer 'Taste receptor type 1 member 2'
2 polymer 'Taste receptor type 1 member 3'
3 non-polymer advantame
#
loop_
_entity_poly.entity_id
_entity_poly.type
_entity_poly.pdbx_seq_one_letter_code
_entity_poly.pdbx_strand_id
1 'polypeptide(L)'
;AENSDFYLPGDYLLGGLFSLHANMKGIVHLNFLQVPMCKEYEVKVIGYNLMQAMRFAVEEINNDSSLLPGVLLGYEIVDV
CYISNNVQPVLYFLAHEDNLLPIQEDYSNYSSRVVAVIGPDNSESVMTVANFLSLFLLPQITYSAISDELRDKVRFPALL
RTTPSADHHIEAMVQLMLHFRWNWIIVLVSNDTYGRDNGQLLGERVARRGICIAFQETLPTLQPNQNMTSEERQRLVTIV
DKLQQSTARVVVVFSPDLTLYHFFNEVLRQNFTGAVWIASESWAIDPVLHNLTELRHLGTFLGITIQSVPIPGFSEFREW
GPQAGPPPLSRTSQSYTCNQECDNCLNATLSFNTILRLSGERVVYSVYSAVYAVAHALHSLLGCDKSTCTKRVVYPWQLL
EEIWKVNFTLLDHQIFFDPQGDVALHLEIVQWQWDRSQNPFQSVASYYPLQRQLKNIQDISWHTINNTIPMSMCSKRCQS
GQKKKPVGIHVCCFECIDCLPGTFLNHTEDEYECQACPNNEWSYQSETSCFKRQLVFLEWHEAPTIAVALLAALGFLSTL
AILVIFWRHFQTPIVRSAGGPMCFLMLTLLLVAYMVVPVYVGPPKVSTCLCRQALFPLCFTICISCIAVRSFQIVCAFKM
ASRFPRAYSYWVRYQGPYVSMAFITVLKMVIVVIGMLATGLSPTTRTDPDDPKITIVSCNPNYRNSLLFNTSLDLLLSVV
GFSFAYMGKELPTNYNEAKFITLSMTFYFTSSVSLCTFMSAYSGVLVTIVDLLVTVLNLLAISLGYFGPKCYMILFYPER
NTPAYFNSMIQGYTMRRD
;
A
2 'polypeptide(L)'
;APLCLSQQLRMKGDYVLGGLFPLGEAEEAGLRSRTRPSSPVCTRFSSNGLLWALAMKMAVEEINNKSDLLPGLRLGYDLF
DTCSEPVVAMKPSLMFLAKAGSRDIAAYCNYTQYQPRVLAVIGPHSSELAMVTGKFFSFFLMPQVSYGASMELLSARETF
PSFFRTVPSDRVQLTAAAELLQEFGWNWVAALGSDDEYGRQGLSIFSALAAARGICIAHEGLVPLPRADDSRLGKVQDVL
HQVNQSSVQVVLLFASVHAAHALFNYSISSRLSPKVWVASEAWLTSDLVMGLPGMAQMGTVLGFLQRGAQLHEFPQYVKT
HLALATDPAFCSALGEREQGLEEDVVGQRCPQCDCITLQNVSAGLNHHQTFSVYAAVYSVAQALHNTLQCNASGCPAQDP
VKPWQLLENMYNLTFHVGGLPLRFDSSGNVDMEYDLKLWVWQGSVPRLHDVGRFNGSLRTERLKIRWHTSDNQKPVSRCS
RQCQEGQVRRVKGFHSCCYDCVDCEAGSYRQNPDDIACTFCGQDEWSPERSTRCFRRRSRFLAWGEPAVLLLLLLLSLAL
GLVLAALGLFVHHRDSPLVQASGGPLACFGLVCLGLVCLSVLLFPGQPSPARCLAQQPLSHLPLTGCLSTLFLQAAEIFV
ESELPLSWADRLSGCLRGPWAWLVVLLAMLVEVALCTWYLVAFPPEVVTDWHMLPTEALVHCRTRSWVSFGLAHATNATL
AFLCFLGTFLVRSQPGCYNRARGLTFAMLAYFITWVSFVPLLANVQVVLRPAVQMGALLLCVLGILAAFHLPRCYLLMRQ
PGLNTPEFFLGGGPGDAQGQNDGNTGNQGKHE
;
B
#
loop_
_chem_comp.id
_chem_comp.type
_chem_comp.name
_chem_comp.formula
A1CD7 non-polymer advantame 'C24 H30 N2 O7'
#
# COMPACT_ATOMS: atom_id res chain seq x y z
N SER A 4 -22.72 -12.07 30.35
CA SER A 4 -22.59 -10.90 29.43
C SER A 4 -22.76 -11.33 27.99
N ASP A 5 -22.83 -10.33 27.09
CA ASP A 5 -23.10 -10.61 25.68
C ASP A 5 -21.86 -11.05 24.91
N PHE A 6 -20.68 -10.58 25.31
CA PHE A 6 -19.48 -10.77 24.51
C PHE A 6 -18.67 -12.01 24.88
N TYR A 7 -19.12 -12.82 25.84
CA TYR A 7 -18.35 -13.96 26.30
C TYR A 7 -19.27 -15.13 26.62
N LEU A 8 -18.89 -16.32 26.15
CA LEU A 8 -19.63 -17.54 26.41
C LEU A 8 -18.65 -18.69 26.63
N PRO A 9 -18.59 -19.25 27.84
CA PRO A 9 -17.60 -20.30 28.10
C PRO A 9 -17.88 -21.58 27.34
N GLY A 10 -16.82 -22.34 27.09
CA GLY A 10 -16.94 -23.64 26.44
C GLY A 10 -15.64 -24.40 26.58
N ASP A 11 -15.63 -25.60 26.00
CA ASP A 11 -14.43 -26.42 26.02
C ASP A 11 -13.36 -25.90 25.06
N TYR A 12 -13.77 -25.35 23.93
CA TYR A 12 -12.87 -24.69 22.99
C TYR A 12 -13.47 -23.34 22.60
N LEU A 13 -12.62 -22.32 22.54
CA LEU A 13 -13.06 -20.94 22.39
C LEU A 13 -12.62 -20.37 21.06
N LEU A 14 -13.49 -19.57 20.46
CA LEU A 14 -13.19 -18.83 19.23
C LEU A 14 -13.02 -17.35 19.55
N GLY A 15 -11.95 -16.76 19.02
CA GLY A 15 -11.76 -15.33 19.12
C GLY A 15 -12.48 -14.58 18.02
N GLY A 16 -13.37 -13.66 18.39
CA GLY A 16 -14.14 -12.92 17.40
C GLY A 16 -13.78 -11.44 17.36
N LEU A 17 -13.38 -10.95 16.19
CA LEU A 17 -13.02 -9.55 16.02
C LEU A 17 -14.01 -8.90 15.06
N PHE A 18 -14.68 -7.85 15.53
CA PHE A 18 -15.60 -7.07 14.71
C PHE A 18 -15.42 -5.61 15.05
N SER A 19 -15.74 -4.74 14.10
CA SER A 19 -15.61 -3.29 14.28
C SER A 19 -16.99 -2.72 14.59
N LEU A 20 -17.31 -2.65 15.89
CA LEU A 20 -18.60 -2.10 16.31
C LEU A 20 -18.59 -0.58 16.29
N HIS A 21 -17.47 0.04 16.62
CA HIS A 21 -17.30 1.48 16.50
C HIS A 21 -16.14 1.77 15.57
N ALA A 22 -16.22 2.90 14.87
CA ALA A 22 -15.20 3.26 13.90
C ALA A 22 -15.08 4.77 13.80
N ASN A 23 -13.87 5.23 13.48
CA ASN A 23 -13.60 6.63 13.16
C ASN A 23 -12.33 6.65 12.34
N MET A 24 -12.39 7.26 11.15
CA MET A 24 -11.27 7.18 10.22
C MET A 24 -10.03 7.89 10.73
N LYS A 25 -10.18 8.78 11.72
CA LYS A 25 -9.06 9.53 12.29
C LYS A 25 -8.72 9.09 13.71
N GLY A 26 -9.01 7.84 14.05
CA GLY A 26 -8.82 7.37 15.41
C GLY A 26 -7.36 7.31 15.80
N ILE A 27 -7.11 7.36 17.11
CA ILE A 27 -5.77 7.30 17.65
C ILE A 27 -5.32 5.84 17.74
N VAL A 28 -4.11 5.57 17.25
CA VAL A 28 -3.60 4.20 17.25
C VAL A 28 -2.82 3.89 18.53
N HIS A 29 -2.17 4.88 19.13
CA HIS A 29 -1.29 4.66 20.27
C HIS A 29 -2.07 4.78 21.59
N LEU A 30 -1.40 4.40 22.67
CA LEU A 30 -1.99 4.49 24.00
C LEU A 30 -2.31 5.95 24.33
N ASN A 31 -3.40 6.15 25.07
CA ASN A 31 -3.77 7.45 25.61
C ASN A 31 -3.50 7.44 27.10
N PHE A 32 -2.53 8.25 27.53
CA PHE A 32 -2.15 8.31 28.95
C PHE A 32 -1.91 6.91 29.49
N LEU A 33 -1.33 6.05 28.65
CA LEU A 33 -1.02 4.68 29.01
C LEU A 33 -2.24 3.89 29.46
N GLN A 34 -3.38 4.16 28.83
CA GLN A 34 -4.54 3.28 28.87
C GLN A 34 -4.90 2.88 27.44
N VAL A 35 -5.31 1.63 27.28
CA VAL A 35 -5.58 1.14 25.92
C VAL A 35 -6.70 1.96 25.30
N PRO A 36 -6.64 2.29 24.01
CA PRO A 36 -7.71 3.10 23.41
C PRO A 36 -9.07 2.50 23.64
N MET A 37 -10.02 3.35 24.03
CA MET A 37 -11.40 2.97 24.30
C MET A 37 -12.28 3.51 23.18
N CYS A 38 -13.04 2.63 22.54
CA CYS A 38 -13.78 2.99 21.33
C CYS A 38 -15.18 3.53 21.58
N LYS A 39 -15.66 3.51 22.84
CA LYS A 39 -17.06 3.85 23.08
C LYS A 39 -17.41 5.24 22.56
N GLU A 40 -16.44 6.15 22.46
CA GLU A 40 -16.72 7.50 21.99
C GLU A 40 -16.74 7.63 20.48
N TYR A 41 -16.29 6.61 19.74
CA TYR A 41 -16.41 6.64 18.29
C TYR A 41 -17.86 6.37 17.88
N GLU A 42 -18.12 6.55 16.58
CA GLU A 42 -19.46 6.33 16.06
C GLU A 42 -19.79 4.84 16.00
N VAL A 43 -20.98 4.48 16.48
CA VAL A 43 -21.44 3.10 16.39
C VAL A 43 -21.89 2.82 14.97
N LYS A 44 -21.65 1.59 14.51
CA LYS A 44 -22.03 1.15 13.16
C LYS A 44 -22.95 -0.06 13.26
N VAL A 45 -24.10 0.02 12.61
CA VAL A 45 -25.14 -1.01 12.77
C VAL A 45 -24.67 -2.34 12.19
N ILE A 46 -24.11 -2.31 10.98
CA ILE A 46 -23.84 -3.55 10.25
C ILE A 46 -22.78 -4.39 10.96
N GLY A 47 -21.82 -3.76 11.62
CA GLY A 47 -20.84 -4.51 12.40
C GLY A 47 -21.49 -5.28 13.55
N TYR A 48 -22.42 -4.63 14.25
CA TYR A 48 -23.17 -5.33 15.29
C TYR A 48 -23.99 -6.45 14.70
N ASN A 49 -24.55 -6.24 13.50
CA ASN A 49 -25.28 -7.31 12.82
C ASN A 49 -24.38 -8.52 12.58
N LEU A 50 -23.16 -8.29 12.10
CA LEU A 50 -22.25 -9.40 11.84
C LEU A 50 -21.84 -10.10 13.14
N MET A 51 -21.64 -9.34 14.22
CA MET A 51 -21.34 -9.96 15.50
C MET A 51 -22.49 -10.84 15.97
N GLN A 52 -23.72 -10.34 15.83
CA GLN A 52 -24.90 -11.15 16.11
C GLN A 52 -24.93 -12.40 15.24
N ALA A 53 -24.47 -12.30 14.00
CA ALA A 53 -24.40 -13.46 13.12
C ALA A 53 -23.46 -14.52 13.68
N MET A 54 -22.30 -14.10 14.19
CA MET A 54 -21.39 -15.07 14.80
C MET A 54 -22.04 -15.75 16.00
N ARG A 55 -22.70 -14.95 16.85
CA ARG A 55 -23.34 -15.53 18.03
C ARG A 55 -24.43 -16.51 17.64
N PHE A 56 -25.21 -16.19 16.61
CA PHE A 56 -26.24 -17.10 16.14
C PHE A 56 -25.63 -18.40 15.62
N ALA A 57 -24.53 -18.30 14.87
CA ALA A 57 -23.87 -19.51 14.37
C ALA A 57 -23.44 -20.42 15.51
N VAL A 58 -22.81 -19.84 16.54
CA VAL A 58 -22.39 -20.68 17.65
C VAL A 58 -23.59 -21.25 18.40
N GLU A 59 -24.68 -20.48 18.51
CA GLU A 59 -25.91 -21.02 19.10
C GLU A 59 -26.37 -22.27 18.35
N GLU A 60 -26.41 -22.18 17.02
CA GLU A 60 -26.80 -23.35 16.22
C GLU A 60 -25.88 -24.53 16.48
N ILE A 61 -24.57 -24.28 16.49
CA ILE A 61 -23.63 -25.39 16.62
C ILE A 61 -23.75 -26.04 17.99
N ASN A 62 -24.02 -25.25 19.03
CA ASN A 62 -24.24 -25.82 20.35
C ASN A 62 -25.56 -26.59 20.43
N ASN A 63 -26.58 -26.13 19.71
CA ASN A 63 -27.87 -26.84 19.73
C ASN A 63 -27.82 -28.13 18.93
N ASP A 64 -27.09 -28.15 17.82
CA ASP A 64 -27.09 -29.27 16.88
C ASP A 64 -26.10 -30.32 17.39
N SER A 65 -26.64 -31.37 18.02
CA SER A 65 -25.81 -32.46 18.52
C SER A 65 -25.17 -33.28 17.41
N SER A 66 -25.61 -33.12 16.16
CA SER A 66 -25.09 -33.90 15.06
C SER A 66 -23.66 -33.51 14.69
N LEU A 67 -23.23 -32.31 15.06
CA LEU A 67 -21.96 -31.76 14.57
C LEU A 67 -20.85 -31.80 15.63
N LEU A 68 -21.17 -31.49 16.88
CA LEU A 68 -20.19 -31.55 17.97
C LEU A 68 -20.88 -32.13 19.20
N PRO A 69 -21.03 -33.45 19.26
CA PRO A 69 -21.75 -34.06 20.38
C PRO A 69 -20.95 -33.95 21.67
N GLY A 70 -21.56 -33.32 22.68
CA GLY A 70 -20.95 -33.26 23.99
C GLY A 70 -19.82 -32.27 24.15
N VAL A 71 -19.51 -31.50 23.11
CA VAL A 71 -18.43 -30.51 23.15
C VAL A 71 -19.07 -29.12 23.09
N LEU A 72 -18.88 -28.35 24.16
CA LEU A 72 -19.38 -26.98 24.20
C LEU A 72 -18.42 -26.08 23.41
N LEU A 73 -18.97 -25.35 22.44
CA LEU A 73 -18.19 -24.40 21.65
C LEU A 73 -18.48 -23.00 22.16
N GLY A 74 -17.43 -22.32 22.63
CA GLY A 74 -17.55 -21.00 23.20
C GLY A 74 -16.89 -19.94 22.34
N TYR A 75 -17.07 -18.69 22.76
CA TYR A 75 -16.52 -17.55 22.04
C TYR A 75 -16.21 -16.42 23.00
N GLU A 76 -15.22 -15.61 22.63
CA GLU A 76 -14.96 -14.33 23.28
C GLU A 76 -14.75 -13.30 22.18
N ILE A 77 -15.46 -12.17 22.27
CA ILE A 77 -15.53 -11.18 21.20
C ILE A 77 -14.95 -9.87 21.70
N VAL A 78 -14.15 -9.23 20.85
CA VAL A 78 -13.50 -7.98 21.19
C VAL A 78 -13.69 -6.99 20.05
N ASP A 79 -13.97 -5.74 20.41
CA ASP A 79 -14.16 -4.69 19.41
C ASP A 79 -12.81 -4.20 18.91
N VAL A 80 -12.61 -4.25 17.59
CA VAL A 80 -11.46 -3.64 16.94
C VAL A 80 -12.00 -2.53 16.05
N CYS A 81 -11.51 -1.31 16.26
CA CYS A 81 -12.18 -0.10 15.77
C CYS A 81 -11.33 0.51 14.65
N TYR A 82 -11.64 0.09 13.42
CA TYR A 82 -10.79 0.39 12.27
C TYR A 82 -9.36 0.03 12.64
N ILE A 83 -8.45 1.02 12.61
CA ILE A 83 -7.06 0.75 12.94
C ILE A 83 -6.87 0.57 14.44
N SER A 84 -7.59 1.36 15.24
CA SER A 84 -7.30 1.42 16.67
C SER A 84 -7.62 0.11 17.36
N ASN A 85 -6.86 -0.18 18.43
CA ASN A 85 -7.03 -1.37 19.24
C ASN A 85 -6.66 -2.65 18.47
N ASN A 86 -5.71 -2.56 17.55
CA ASN A 86 -5.31 -3.73 16.78
C ASN A 86 -4.54 -4.73 17.63
N VAL A 87 -3.64 -4.25 18.49
CA VAL A 87 -2.60 -5.10 19.06
C VAL A 87 -3.11 -5.86 20.29
N GLN A 88 -3.65 -5.14 21.27
CA GLN A 88 -3.93 -5.76 22.56
C GLN A 88 -4.84 -6.97 22.45
N PRO A 89 -5.91 -6.97 21.65
CA PRO A 89 -6.76 -8.16 21.58
C PRO A 89 -6.00 -9.42 21.16
N VAL A 90 -4.99 -9.29 20.31
CA VAL A 90 -4.22 -10.46 19.91
C VAL A 90 -3.47 -11.05 21.10
N LEU A 91 -2.81 -10.20 21.87
CA LEU A 91 -2.12 -10.68 23.07
C LEU A 91 -3.11 -11.28 24.06
N TYR A 92 -4.28 -10.67 24.18
CA TYR A 92 -5.31 -11.21 25.07
C TYR A 92 -5.78 -12.58 24.62
N PHE A 93 -5.85 -12.82 23.31
CA PHE A 93 -6.19 -14.14 22.80
C PHE A 93 -5.06 -15.14 23.03
N LEU A 94 -3.81 -14.71 22.94
CA LEU A 94 -2.68 -15.63 23.02
C LEU A 94 -2.22 -15.90 24.44
N ALA A 95 -2.61 -15.09 25.42
CA ALA A 95 -2.08 -15.24 26.77
C ALA A 95 -2.61 -16.52 27.42
N HIS A 96 -1.85 -17.02 28.38
CA HIS A 96 -2.14 -18.31 29.02
C HIS A 96 -2.94 -18.13 30.30
N GLU A 97 -4.10 -17.48 30.16
CA GLU A 97 -5.16 -17.43 31.16
C GLU A 97 -4.82 -16.60 32.40
N ASP A 98 -3.61 -16.06 32.50
CA ASP A 98 -3.32 -15.01 33.48
C ASP A 98 -2.81 -13.75 32.77
N ASN A 99 -3.12 -13.61 31.49
CA ASN A 99 -2.80 -12.43 30.70
C ASN A 99 -1.29 -12.26 30.49
N LEU A 100 -0.53 -13.34 30.66
CA LEU A 100 0.89 -13.36 30.35
C LEU A 100 1.15 -14.35 29.22
N LEU A 101 1.96 -13.94 28.24
CA LEU A 101 2.33 -14.79 27.13
C LEU A 101 3.82 -15.04 27.18
N PRO A 102 4.28 -16.27 27.41
CA PRO A 102 5.73 -16.51 27.49
C PRO A 102 6.37 -16.58 26.11
N ILE A 103 7.57 -16.00 26.01
CA ILE A 103 8.34 -16.07 24.79
C ILE A 103 9.12 -17.37 24.75
N GLN A 104 8.95 -18.13 23.67
CA GLN A 104 9.63 -19.41 23.50
C GLN A 104 10.15 -19.53 22.09
N GLU A 105 11.17 -20.38 21.92
CA GLU A 105 11.67 -20.71 20.60
C GLU A 105 10.78 -21.71 19.88
N ASP A 106 9.88 -22.37 20.59
CA ASP A 106 8.98 -23.36 20.00
C ASP A 106 7.62 -23.28 20.69
N TYR A 107 6.56 -23.33 19.88
CA TYR A 107 5.19 -23.21 20.36
C TYR A 107 4.34 -24.42 20.00
N SER A 108 4.95 -25.55 19.64
CA SER A 108 4.17 -26.71 19.24
C SER A 108 3.29 -27.24 20.36
N ASN A 109 3.72 -27.03 21.61
CA ASN A 109 3.04 -27.56 22.78
C ASN A 109 2.32 -26.49 23.60
N TYR A 110 2.12 -25.30 23.04
CA TYR A 110 1.59 -24.17 23.79
C TYR A 110 0.07 -24.09 23.57
N SER A 111 -0.68 -24.09 24.68
CA SER A 111 -2.14 -24.08 24.64
C SER A 111 -2.63 -22.64 24.74
N SER A 112 -2.92 -22.05 23.58
CA SER A 112 -3.43 -20.69 23.55
C SER A 112 -4.86 -20.65 24.10
N ARG A 113 -5.29 -19.43 24.47
CA ARG A 113 -6.59 -19.28 25.09
C ARG A 113 -7.73 -19.52 24.10
N VAL A 114 -7.52 -19.18 22.83
CA VAL A 114 -8.48 -19.49 21.77
C VAL A 114 -7.80 -20.40 20.76
N VAL A 115 -8.61 -21.23 20.11
CA VAL A 115 -8.10 -22.14 19.09
C VAL A 115 -8.15 -21.55 17.69
N ALA A 116 -9.02 -20.57 17.45
CA ALA A 116 -9.10 -19.92 16.16
C ALA A 116 -9.64 -18.51 16.34
N VAL A 117 -9.37 -17.66 15.36
CA VAL A 117 -9.77 -16.26 15.38
C VAL A 117 -10.60 -15.98 14.15
N ILE A 118 -11.85 -15.55 14.36
CA ILE A 118 -12.67 -15.01 13.28
C ILE A 118 -12.21 -13.57 13.08
N GLY A 119 -11.42 -13.34 12.03
CA GLY A 119 -10.54 -12.20 11.99
C GLY A 119 -11.23 -10.91 11.63
N PRO A 120 -10.45 -9.84 11.63
CA PRO A 120 -10.99 -8.49 11.42
C PRO A 120 -11.68 -8.34 10.07
N ASP A 121 -12.47 -7.26 9.96
CA ASP A 121 -13.17 -6.92 8.73
C ASP A 121 -12.38 -5.98 7.82
N ASN A 122 -11.31 -5.38 8.30
CA ASN A 122 -10.52 -4.43 7.53
C ASN A 122 -9.21 -5.08 7.07
N SER A 123 -8.80 -4.75 5.84
CA SER A 123 -7.58 -5.33 5.28
C SER A 123 -6.37 -5.00 6.14
N GLU A 124 -6.24 -3.74 6.55
CA GLU A 124 -5.09 -3.34 7.37
C GLU A 124 -5.07 -4.10 8.69
N SER A 125 -6.22 -4.18 9.37
CA SER A 125 -6.30 -4.94 10.61
C SER A 125 -6.01 -6.42 10.37
N VAL A 126 -6.50 -6.97 9.27
CA VAL A 126 -6.25 -8.37 8.95
C VAL A 126 -4.74 -8.63 8.84
N MET A 127 -4.05 -7.79 8.07
CA MET A 127 -2.60 -7.98 7.92
C MET A 127 -1.88 -7.78 9.25
N THR A 128 -2.27 -6.76 10.02
CA THR A 128 -1.60 -6.49 11.28
C THR A 128 -1.75 -7.66 12.24
N VAL A 129 -2.95 -8.22 12.34
CA VAL A 129 -3.18 -9.36 13.24
C VAL A 129 -2.49 -10.61 12.70
N ALA A 130 -2.51 -10.80 11.37
CA ALA A 130 -1.86 -11.95 10.77
C ALA A 130 -0.36 -11.94 11.02
N ASN A 131 0.25 -10.77 11.09
CA ASN A 131 1.68 -10.71 11.38
C ASN A 131 2.01 -11.43 12.69
N PHE A 132 1.16 -11.29 13.70
CA PHE A 132 1.37 -11.98 14.96
C PHE A 132 0.93 -13.44 14.89
N LEU A 133 -0.30 -13.68 14.44
CA LEU A 133 -0.82 -15.05 14.44
C LEU A 133 -0.07 -15.97 13.50
N SER A 134 0.74 -15.43 12.59
CA SER A 134 1.57 -16.27 11.73
C SER A 134 2.64 -17.00 12.54
N LEU A 135 3.16 -16.36 13.59
CA LEU A 135 4.14 -17.02 14.44
C LEU A 135 3.56 -18.28 15.06
N PHE A 136 2.36 -18.19 15.62
CA PHE A 136 1.73 -19.33 16.28
C PHE A 136 0.95 -20.23 15.32
N LEU A 137 0.81 -19.83 14.06
CA LEU A 137 0.02 -20.60 13.10
C LEU A 137 -1.39 -20.83 13.64
N LEU A 138 -1.92 -19.83 14.31
CA LEU A 138 -3.26 -19.89 14.83
C LEU A 138 -4.24 -19.58 13.69
N PRO A 139 -5.14 -20.50 13.33
CA PRO A 139 -5.95 -20.29 12.12
C PRO A 139 -6.82 -19.04 12.24
N GLN A 140 -6.81 -18.24 11.18
CA GLN A 140 -7.55 -16.99 11.11
C GLN A 140 -8.43 -17.02 9.87
N ILE A 141 -9.72 -16.73 10.03
CA ILE A 141 -10.66 -16.63 8.92
C ILE A 141 -11.26 -15.24 8.94
N THR A 142 -11.11 -14.51 7.84
CA THR A 142 -11.67 -13.17 7.71
C THR A 142 -12.84 -13.22 6.72
N TYR A 143 -13.93 -12.52 7.08
CA TYR A 143 -15.18 -12.63 6.34
C TYR A 143 -15.39 -11.51 5.33
N SER A 144 -14.68 -10.38 5.44
CA SER A 144 -15.00 -9.24 4.59
C SER A 144 -13.77 -8.49 4.06
N ALA A 145 -12.55 -8.93 4.32
CA ALA A 145 -11.36 -8.23 3.85
C ALA A 145 -11.00 -8.75 2.47
N ILE A 146 -11.06 -7.87 1.46
CA ILE A 146 -11.00 -8.28 0.07
C ILE A 146 -9.65 -8.03 -0.60
N SER A 147 -8.75 -7.27 0.04
CA SER A 147 -7.52 -6.89 -0.64
C SER A 147 -6.77 -8.12 -1.12
N ASP A 148 -6.22 -8.06 -2.33
CA ASP A 148 -5.57 -9.21 -2.93
C ASP A 148 -4.28 -9.60 -2.24
N GLU A 149 -3.63 -8.66 -1.53
CA GLU A 149 -2.36 -8.95 -0.87
C GLU A 149 -2.42 -10.23 -0.06
N LEU A 150 -3.61 -10.57 0.46
CA LEU A 150 -3.77 -11.67 1.39
C LEU A 150 -3.59 -13.04 0.74
N ARG A 151 -3.41 -13.11 -0.58
CA ARG A 151 -3.27 -14.41 -1.22
C ARG A 151 -1.89 -15.03 -1.07
N ASP A 152 -0.87 -14.26 -0.69
CA ASP A 152 0.47 -14.80 -0.52
C ASP A 152 0.54 -15.57 0.80
N LYS A 153 0.48 -16.90 0.70
CA LYS A 153 0.51 -17.75 1.89
C LYS A 153 1.91 -17.99 2.42
N VAL A 154 2.96 -17.68 1.65
CA VAL A 154 4.29 -17.59 2.25
C VAL A 154 4.35 -16.37 3.17
N ARG A 155 3.59 -15.33 2.83
CA ARG A 155 3.55 -14.11 3.63
C ARG A 155 2.52 -14.21 4.75
N PHE A 156 1.36 -14.82 4.48
CA PHE A 156 0.29 -14.99 5.46
C PHE A 156 -0.16 -16.45 5.46
N PRO A 157 0.65 -17.36 6.02
CA PRO A 157 0.28 -18.78 6.00
C PRO A 157 -0.99 -19.10 6.79
N ALA A 158 -1.33 -18.31 7.81
CA ALA A 158 -2.38 -18.66 8.74
C ALA A 158 -3.77 -18.19 8.32
N LEU A 159 -3.90 -17.54 7.18
CA LEU A 159 -5.08 -16.73 6.87
C LEU A 159 -5.92 -17.39 5.77
N LEU A 160 -7.23 -17.42 5.99
CA LEU A 160 -8.21 -17.88 5.02
C LEU A 160 -9.37 -16.90 4.96
N ARG A 161 -10.17 -17.01 3.91
CA ARG A 161 -11.26 -16.08 3.65
C ARG A 161 -12.51 -16.82 3.22
N THR A 162 -13.66 -16.21 3.48
CA THR A 162 -14.95 -16.70 3.01
C THR A 162 -15.66 -15.67 2.13
N THR A 163 -14.89 -14.92 1.35
CA THR A 163 -15.46 -14.02 0.36
C THR A 163 -14.49 -13.87 -0.79
N PRO A 164 -14.99 -13.72 -2.03
CA PRO A 164 -14.08 -13.61 -3.18
C PRO A 164 -13.19 -12.38 -3.09
N SER A 165 -12.01 -12.48 -3.70
CA SER A 165 -11.00 -11.43 -3.64
C SER A 165 -11.43 -10.19 -4.43
N ALA A 166 -10.63 -9.13 -4.33
CA ALA A 166 -10.92 -7.89 -5.05
C ALA A 166 -10.96 -8.08 -6.55
N ASP A 167 -10.14 -9.01 -7.09
CA ASP A 167 -10.09 -9.23 -8.53
C ASP A 167 -11.48 -9.49 -9.09
N HIS A 168 -12.27 -10.31 -8.40
CA HIS A 168 -13.59 -10.65 -8.90
C HIS A 168 -14.55 -9.48 -8.82
N HIS A 169 -14.44 -8.64 -7.79
CA HIS A 169 -15.25 -7.43 -7.73
C HIS A 169 -14.96 -6.53 -8.94
N ILE A 170 -13.67 -6.30 -9.22
CA ILE A 170 -13.32 -5.47 -10.36
C ILE A 170 -13.82 -6.09 -11.66
N GLU A 171 -13.69 -7.42 -11.78
CA GLU A 171 -14.17 -8.10 -12.97
C GLU A 171 -15.67 -7.93 -13.14
N ALA A 172 -16.42 -8.05 -12.06
CA ALA A 172 -17.87 -7.86 -12.14
C ALA A 172 -18.21 -6.45 -12.62
N MET A 173 -17.55 -5.44 -12.05
CA MET A 173 -17.81 -4.07 -12.48
C MET A 173 -17.48 -3.89 -13.96
N VAL A 174 -16.32 -4.40 -14.39
CA VAL A 174 -15.90 -4.22 -15.78
C VAL A 174 -16.88 -4.89 -16.73
N GLN A 175 -17.30 -6.12 -16.43
CA GLN A 175 -18.21 -6.81 -17.32
C GLN A 175 -19.59 -6.18 -17.34
N LEU A 176 -20.05 -5.65 -16.20
CA LEU A 176 -21.29 -4.90 -16.18
C LEU A 176 -21.20 -3.69 -17.10
N MET A 177 -20.09 -2.95 -17.02
CA MET A 177 -19.94 -1.78 -17.87
C MET A 177 -19.87 -2.17 -19.34
N LEU A 178 -19.19 -3.28 -19.65
CA LEU A 178 -19.12 -3.74 -21.04
C LEU A 178 -20.49 -4.13 -21.56
N HIS A 179 -21.30 -4.79 -20.74
CA HIS A 179 -22.60 -5.27 -21.22
C HIS A 179 -23.47 -4.13 -21.72
N PHE A 180 -23.52 -3.02 -20.98
CA PHE A 180 -24.24 -1.83 -21.40
C PHE A 180 -23.41 -0.94 -22.31
N ARG A 181 -22.22 -1.39 -22.70
CA ARG A 181 -21.40 -0.69 -23.69
C ARG A 181 -21.08 0.74 -23.27
N TRP A 182 -20.85 0.94 -21.98
CA TRP A 182 -20.30 2.20 -21.50
C TRP A 182 -18.81 2.25 -21.79
N ASN A 183 -18.30 3.47 -22.00
CA ASN A 183 -16.94 3.63 -22.48
C ASN A 183 -16.13 4.72 -21.79
N TRP A 184 -16.70 5.43 -20.82
CA TRP A 184 -16.16 6.72 -20.40
C TRP A 184 -16.62 6.95 -18.96
N ILE A 185 -15.74 6.70 -17.99
CA ILE A 185 -16.14 6.55 -16.60
C ILE A 185 -15.31 7.43 -15.69
N ILE A 186 -15.89 7.75 -14.53
CA ILE A 186 -15.29 8.54 -13.47
C ILE A 186 -14.98 7.61 -12.31
N VAL A 187 -13.87 7.86 -11.62
CA VAL A 187 -13.49 7.06 -10.46
C VAL A 187 -13.21 8.01 -9.30
N LEU A 188 -13.82 7.73 -8.15
CA LEU A 188 -13.59 8.48 -6.92
C LEU A 188 -13.06 7.55 -5.84
N VAL A 189 -12.06 8.02 -5.10
CA VAL A 189 -11.43 7.24 -4.05
C VAL A 189 -11.33 8.10 -2.80
N SER A 190 -11.19 7.44 -1.65
CA SER A 190 -11.37 8.07 -0.34
C SER A 190 -10.06 8.44 0.35
N ASN A 191 -8.95 8.57 -0.38
CA ASN A 191 -7.68 9.03 0.18
C ASN A 191 -7.19 8.10 1.29
N ASP A 192 -7.44 6.80 1.16
CA ASP A 192 -6.90 5.80 2.08
C ASP A 192 -6.49 4.59 1.27
N THR A 193 -5.89 3.61 1.95
CA THR A 193 -5.26 2.50 1.27
C THR A 193 -6.26 1.61 0.54
N TYR A 194 -7.48 1.48 1.06
CA TYR A 194 -8.51 0.74 0.33
C TYR A 194 -8.78 1.38 -1.03
N GLY A 195 -8.96 2.70 -1.05
CA GLY A 195 -9.21 3.38 -2.29
C GLY A 195 -8.06 3.25 -3.27
N ARG A 196 -6.84 3.40 -2.78
CA ARG A 196 -5.68 3.34 -3.67
C ARG A 196 -5.49 1.95 -4.24
N ASP A 197 -5.61 0.92 -3.39
CA ASP A 197 -5.57 -0.47 -3.87
C ASP A 197 -6.57 -0.68 -4.99
N ASN A 198 -7.85 -0.46 -4.70
CA ASN A 198 -8.88 -0.79 -5.68
C ASN A 198 -8.79 0.11 -6.91
N GLY A 199 -8.38 1.37 -6.74
CA GLY A 199 -8.21 2.24 -7.89
C GLY A 199 -7.12 1.75 -8.83
N GLN A 200 -5.98 1.33 -8.28
CA GLN A 200 -4.91 0.79 -9.14
C GLN A 200 -5.39 -0.46 -9.87
N LEU A 201 -6.05 -1.37 -9.15
CA LEU A 201 -6.50 -2.60 -9.77
C LEU A 201 -7.51 -2.31 -10.89
N LEU A 202 -8.45 -1.41 -10.63
CA LEU A 202 -9.43 -1.03 -11.64
C LEU A 202 -8.74 -0.40 -12.84
N GLY A 203 -7.76 0.46 -12.60
CA GLY A 203 -7.05 1.06 -13.71
C GLY A 203 -6.44 0.01 -14.61
N GLU A 204 -5.76 -0.98 -14.02
CA GLU A 204 -5.15 -2.02 -14.85
C GLU A 204 -6.21 -2.76 -15.66
N ARG A 205 -7.26 -3.25 -15.00
CA ARG A 205 -8.25 -4.04 -15.72
C ARG A 205 -8.92 -3.22 -16.83
N VAL A 206 -9.32 -1.98 -16.51
CA VAL A 206 -10.01 -1.15 -17.49
C VAL A 206 -9.11 -0.88 -18.69
N ALA A 207 -7.85 -0.51 -18.44
CA ALA A 207 -6.94 -0.26 -19.54
C ALA A 207 -6.79 -1.49 -20.42
N ARG A 208 -6.74 -2.68 -19.81
CA ARG A 208 -6.63 -3.89 -20.61
C ARG A 208 -7.91 -4.22 -21.38
N ARG A 209 -9.07 -3.75 -20.93
CA ARG A 209 -10.34 -4.17 -21.52
C ARG A 209 -10.97 -3.12 -22.44
N GLY A 210 -10.28 -2.04 -22.75
CA GLY A 210 -10.77 -1.09 -23.74
C GLY A 210 -11.73 -0.05 -23.24
N ILE A 211 -12.11 -0.08 -21.97
CA ILE A 211 -12.79 1.07 -21.38
C ILE A 211 -11.73 2.07 -20.90
N CYS A 212 -12.12 3.33 -20.83
CA CYS A 212 -11.21 4.40 -20.46
C CYS A 212 -11.72 5.11 -19.23
N ILE A 213 -10.86 5.23 -18.22
CA ILE A 213 -11.14 6.07 -17.06
C ILE A 213 -10.88 7.51 -17.46
N ALA A 214 -11.94 8.30 -17.59
CA ALA A 214 -11.78 9.71 -17.95
C ALA A 214 -11.21 10.54 -16.83
N PHE A 215 -11.30 10.06 -15.59
CA PHE A 215 -11.25 10.97 -14.45
C PHE A 215 -11.06 10.21 -13.15
N GLN A 216 -10.06 10.59 -12.35
CA GLN A 216 -9.84 10.01 -11.04
C GLN A 216 -9.58 11.14 -10.04
N GLU A 217 -10.19 11.03 -8.87
CA GLU A 217 -10.20 12.13 -7.93
C GLU A 217 -10.33 11.58 -6.51
N THR A 218 -9.84 12.36 -5.55
CA THR A 218 -9.77 11.95 -4.15
C THR A 218 -10.72 12.80 -3.31
N LEU A 219 -11.52 12.13 -2.47
CA LEU A 219 -12.40 12.81 -1.54
C LEU A 219 -11.65 13.19 -0.27
N PRO A 220 -12.08 14.24 0.43
CA PRO A 220 -11.58 14.48 1.78
C PRO A 220 -12.22 13.54 2.78
N THR A 221 -11.48 13.26 3.85
CA THR A 221 -11.92 12.35 4.90
C THR A 221 -12.82 13.07 5.91
N LEU A 222 -13.94 13.59 5.41
CA LEU A 222 -14.92 14.24 6.27
C LEU A 222 -15.65 13.22 7.14
N GLN A 223 -16.34 13.74 8.15
CA GLN A 223 -17.13 12.90 9.04
C GLN A 223 -18.48 13.56 9.30
N PRO A 224 -19.56 12.77 9.42
CA PRO A 224 -20.88 13.37 9.57
C PRO A 224 -21.08 14.12 10.88
N ASN A 225 -20.42 13.69 11.96
CA ASN A 225 -20.55 14.39 13.24
C ASN A 225 -19.74 15.68 13.27
N GLN A 226 -18.84 15.89 12.32
CA GLN A 226 -17.88 16.99 12.37
C GLN A 226 -18.27 18.08 11.39
N ASN A 227 -18.09 19.33 11.81
CA ASN A 227 -18.43 20.47 10.97
C ASN A 227 -17.39 20.64 9.86
N MET A 228 -17.89 20.91 8.65
CA MET A 228 -17.03 21.03 7.48
C MET A 228 -16.27 22.36 7.50
N THR A 229 -14.97 22.30 7.22
CA THR A 229 -14.18 23.51 7.09
C THR A 229 -14.41 24.16 5.73
N SER A 230 -13.99 25.42 5.62
CA SER A 230 -14.12 26.13 4.36
C SER A 230 -13.30 25.47 3.26
N GLU A 231 -12.09 25.00 3.58
CA GLU A 231 -11.25 24.37 2.57
C GLU A 231 -11.85 23.06 2.08
N GLU A 232 -12.37 22.24 2.98
CA GLU A 232 -13.05 21.01 2.57
C GLU A 232 -14.27 21.31 1.72
N ARG A 233 -15.02 22.36 2.08
CA ARG A 233 -16.16 22.78 1.28
C ARG A 233 -15.72 23.17 -0.13
N GLN A 234 -14.64 23.94 -0.24
CA GLN A 234 -14.12 24.32 -1.55
C GLN A 234 -13.69 23.09 -2.34
N ARG A 235 -13.06 22.12 -1.68
CA ARG A 235 -12.63 20.91 -2.37
C ARG A 235 -13.82 20.13 -2.93
N LEU A 236 -14.86 19.94 -2.10
CA LEU A 236 -16.05 19.23 -2.56
C LEU A 236 -16.72 19.98 -3.70
N VAL A 237 -16.80 21.31 -3.60
CA VAL A 237 -17.36 22.11 -4.68
C VAL A 237 -16.58 21.87 -5.96
N THR A 238 -15.25 21.89 -5.88
CA THR A 238 -14.43 21.66 -7.06
C THR A 238 -14.73 20.29 -7.67
N ILE A 239 -14.81 19.26 -6.83
CA ILE A 239 -15.02 17.91 -7.33
C ILE A 239 -16.36 17.80 -8.06
N VAL A 240 -17.43 18.26 -7.41
CA VAL A 240 -18.75 18.12 -7.99
C VAL A 240 -18.89 18.99 -9.24
N ASP A 241 -18.25 20.17 -9.25
CA ASP A 241 -18.26 20.98 -10.46
C ASP A 241 -17.56 20.26 -11.60
N LYS A 242 -16.39 19.67 -11.33
CA LYS A 242 -15.71 18.87 -12.34
C LYS A 242 -16.63 17.82 -12.92
N LEU A 243 -17.34 17.09 -12.05
CA LEU A 243 -18.26 16.06 -12.55
C LEU A 243 -19.38 16.68 -13.37
N GLN A 244 -19.94 17.79 -12.89
CA GLN A 244 -21.12 18.36 -13.53
C GLN A 244 -20.81 18.84 -14.94
N GLN A 245 -19.63 19.43 -15.14
CA GLN A 245 -19.29 19.93 -16.47
C GLN A 245 -18.75 18.86 -17.40
N SER A 246 -18.42 17.67 -16.89
CA SER A 246 -17.88 16.62 -17.74
C SER A 246 -18.98 15.77 -18.36
N THR A 247 -18.65 15.12 -19.47
CA THR A 247 -19.61 14.32 -20.20
C THR A 247 -19.82 12.93 -19.62
N ALA A 248 -18.86 12.41 -18.85
CA ALA A 248 -18.99 11.07 -18.28
C ALA A 248 -20.10 11.06 -17.24
N ARG A 249 -20.82 9.93 -17.17
CA ARG A 249 -21.92 9.78 -16.23
C ARG A 249 -21.91 8.47 -15.45
N VAL A 250 -21.02 7.53 -15.78
CA VAL A 250 -20.76 6.39 -14.92
C VAL A 250 -19.76 6.83 -13.87
N VAL A 251 -20.11 6.68 -12.59
CA VAL A 251 -19.26 7.10 -11.49
C VAL A 251 -19.03 5.90 -10.58
N VAL A 252 -17.79 5.48 -10.45
CA VAL A 252 -17.40 4.35 -9.62
C VAL A 252 -16.80 4.90 -8.33
N VAL A 253 -17.38 4.54 -7.19
CA VAL A 253 -16.98 5.11 -5.91
C VAL A 253 -16.37 4.03 -5.03
N PHE A 254 -15.11 4.23 -4.63
CA PHE A 254 -14.43 3.43 -3.61
C PHE A 254 -14.29 4.30 -2.37
N SER A 255 -15.08 4.04 -1.33
CA SER A 255 -15.00 4.86 -0.14
C SER A 255 -15.65 4.16 1.03
N PRO A 256 -15.18 4.38 2.26
CA PRO A 256 -15.99 4.06 3.43
C PRO A 256 -17.29 4.85 3.42
N ASP A 257 -18.34 4.25 3.96
CA ASP A 257 -19.65 4.90 3.97
C ASP A 257 -19.65 6.19 4.78
N LEU A 258 -18.86 6.27 5.85
CA LEU A 258 -18.81 7.48 6.66
C LEU A 258 -18.44 8.70 5.81
N THR A 259 -17.53 8.51 4.85
CA THR A 259 -17.01 9.65 4.08
C THR A 259 -18.05 10.21 3.12
N LEU A 260 -19.02 9.41 2.68
CA LEU A 260 -19.86 9.79 1.55
C LEU A 260 -21.05 10.66 1.94
N TYR A 261 -21.36 10.79 3.23
CA TYR A 261 -22.55 11.55 3.64
C TYR A 261 -22.46 12.99 3.16
N HIS A 262 -21.38 13.68 3.49
CA HIS A 262 -21.20 15.06 3.06
C HIS A 262 -21.08 15.18 1.55
N PHE A 263 -20.45 14.20 0.91
CA PHE A 263 -20.31 14.23 -0.54
C PHE A 263 -21.67 14.22 -1.21
N PHE A 264 -22.55 13.30 -0.79
CA PHE A 264 -23.88 13.26 -1.39
C PHE A 264 -24.73 14.46 -1.02
N ASN A 265 -24.58 14.99 0.20
CA ASN A 265 -25.29 16.23 0.53
C ASN A 265 -24.85 17.36 -0.40
N GLU A 266 -23.55 17.48 -0.64
CA GLU A 266 -23.07 18.51 -1.56
C GLU A 266 -23.60 18.29 -2.97
N VAL A 267 -23.60 17.04 -3.44
CA VAL A 267 -24.17 16.74 -4.75
C VAL A 267 -25.62 17.19 -4.81
N LEU A 268 -26.35 17.03 -3.71
CA LEU A 268 -27.74 17.49 -3.67
C LEU A 268 -27.82 19.01 -3.74
N ARG A 269 -26.89 19.71 -3.08
CA ARG A 269 -26.87 21.17 -3.19
C ARG A 269 -26.65 21.61 -4.63
N GLN A 270 -25.85 20.87 -5.39
CA GLN A 270 -25.51 21.27 -6.75
C GLN A 270 -26.61 20.99 -7.75
N ASN A 271 -27.77 20.47 -7.34
CA ASN A 271 -28.86 20.19 -8.26
C ASN A 271 -28.44 19.18 -9.32
N PHE A 272 -27.48 18.34 -8.98
CA PHE A 272 -26.92 17.35 -9.89
C PHE A 272 -27.91 16.21 -10.12
N THR A 273 -27.84 15.63 -11.32
CA THR A 273 -28.69 14.48 -11.64
C THR A 273 -28.12 13.73 -12.84
N GLY A 274 -28.59 12.49 -13.00
CA GLY A 274 -28.39 11.76 -14.24
C GLY A 274 -27.26 10.76 -14.24
N ALA A 275 -26.65 10.46 -13.10
CA ALA A 275 -25.49 9.58 -13.05
C ALA A 275 -25.90 8.13 -12.75
N VAL A 276 -24.99 7.22 -13.09
CA VAL A 276 -25.07 5.82 -12.68
C VAL A 276 -23.95 5.60 -11.67
N TRP A 277 -24.32 5.34 -10.42
CA TRP A 277 -23.36 5.20 -9.33
C TRP A 277 -23.04 3.72 -9.14
N ILE A 278 -21.84 3.31 -9.56
CA ILE A 278 -21.32 1.97 -9.30
C ILE A 278 -20.71 2.01 -7.89
N ALA A 279 -21.40 1.37 -6.96
CA ALA A 279 -21.02 1.35 -5.55
C ALA A 279 -20.18 0.13 -5.26
N SER A 280 -19.00 0.33 -4.70
CA SER A 280 -18.16 -0.79 -4.30
C SER A 280 -18.71 -1.44 -3.03
N GLU A 281 -18.21 -2.63 -2.71
CA GLU A 281 -18.75 -3.37 -1.57
C GLU A 281 -18.71 -2.61 -0.27
N SER A 282 -17.78 -1.67 -0.11
CA SER A 282 -17.64 -1.02 1.18
C SER A 282 -18.89 -0.22 1.56
N TRP A 283 -19.70 0.20 0.59
CA TRP A 283 -20.95 0.93 0.88
C TRP A 283 -22.16 0.42 0.13
N ALA A 284 -22.03 -0.63 -0.70
CA ALA A 284 -23.10 -1.01 -1.60
C ALA A 284 -24.40 -1.38 -0.89
N ILE A 285 -24.35 -1.75 0.39
CA ILE A 285 -25.54 -2.27 1.07
C ILE A 285 -25.77 -1.56 2.40
N ASP A 286 -25.23 -0.36 2.56
CA ASP A 286 -25.37 0.36 3.83
C ASP A 286 -26.82 0.74 4.09
N PRO A 287 -27.42 0.30 5.20
CA PRO A 287 -28.78 0.77 5.53
C PRO A 287 -28.88 2.26 5.80
N VAL A 288 -27.84 2.88 6.38
CA VAL A 288 -27.96 4.27 6.82
C VAL A 288 -28.02 5.21 5.63
N LEU A 289 -27.08 5.07 4.69
CA LEU A 289 -27.09 5.90 3.50
C LEU A 289 -28.38 5.71 2.71
N HIS A 290 -28.91 4.49 2.71
CA HIS A 290 -30.12 4.21 1.95
C HIS A 290 -31.31 5.04 2.43
N ASN A 291 -31.31 5.46 3.69
CA ASN A 291 -32.47 6.14 4.25
C ASN A 291 -32.49 7.62 3.92
N LEU A 292 -31.48 8.15 3.23
CA LEU A 292 -31.54 9.51 2.67
C LEU A 292 -32.39 9.45 1.40
N THR A 293 -33.70 9.53 1.60
CA THR A 293 -34.65 9.27 0.51
C THR A 293 -34.54 10.28 -0.64
N GLU A 294 -33.91 11.44 -0.43
CA GLU A 294 -33.73 12.38 -1.52
C GLU A 294 -32.81 11.83 -2.62
N LEU A 295 -31.95 10.86 -2.29
CA LEU A 295 -31.06 10.28 -3.29
C LEU A 295 -31.78 9.76 -4.51
N ARG A 296 -33.11 9.57 -4.41
CA ARG A 296 -33.88 9.13 -5.57
C ARG A 296 -33.66 10.03 -6.77
N HIS A 297 -33.29 11.29 -6.56
CA HIS A 297 -33.16 12.23 -7.66
C HIS A 297 -31.75 12.32 -8.25
N LEU A 298 -30.78 11.59 -7.71
CA LEU A 298 -29.40 11.64 -8.21
C LEU A 298 -29.10 10.57 -9.26
N GLY A 299 -30.10 9.97 -9.87
CA GLY A 299 -29.87 8.88 -10.82
C GLY A 299 -30.17 7.52 -10.23
N THR A 300 -29.38 6.51 -10.58
CA THR A 300 -29.62 5.14 -10.18
C THR A 300 -28.38 4.58 -9.51
N PHE A 301 -28.59 3.72 -8.49
CA PHE A 301 -27.50 3.19 -7.68
C PHE A 301 -27.40 1.69 -7.85
N LEU A 302 -26.25 1.23 -8.37
CA LEU A 302 -25.93 -0.18 -8.56
C LEU A 302 -24.69 -0.50 -7.75
N GLY A 303 -24.78 -1.53 -6.91
CA GLY A 303 -23.70 -1.93 -6.03
C GLY A 303 -23.27 -3.38 -6.27
N ILE A 304 -22.05 -3.68 -5.84
CA ILE A 304 -21.47 -5.02 -5.93
C ILE A 304 -21.47 -5.62 -4.54
N THR A 305 -21.89 -6.88 -4.41
CA THR A 305 -21.99 -7.49 -3.10
C THR A 305 -21.93 -9.01 -3.26
N ILE A 306 -21.99 -9.70 -2.13
CA ILE A 306 -21.99 -11.16 -2.12
C ILE A 306 -23.42 -11.68 -2.15
N GLN A 307 -23.62 -12.83 -2.81
CA GLN A 307 -24.96 -13.32 -3.09
C GLN A 307 -25.78 -13.50 -1.82
N SER A 308 -27.05 -13.10 -1.90
CA SER A 308 -27.98 -13.29 -0.79
C SER A 308 -28.32 -14.77 -0.61
N VAL A 309 -28.19 -15.25 0.61
CA VAL A 309 -28.64 -16.58 1.01
C VAL A 309 -29.54 -16.42 2.22
N PRO A 310 -30.82 -16.84 2.16
CA PRO A 310 -31.71 -16.61 3.31
C PRO A 310 -31.41 -17.55 4.47
N ILE A 311 -30.84 -17.00 5.53
CA ILE A 311 -30.60 -17.78 6.75
C ILE A 311 -31.91 -18.01 7.49
N PRO A 312 -32.27 -19.25 7.83
CA PRO A 312 -33.47 -19.46 8.63
C PRO A 312 -33.23 -19.13 10.10
N GLY A 313 -34.25 -18.53 10.72
CA GLY A 313 -34.22 -18.31 12.15
C GLY A 313 -33.41 -17.11 12.60
N PHE A 314 -32.45 -16.67 11.79
CA PHE A 314 -31.58 -15.57 12.20
C PHE A 314 -32.36 -14.26 12.33
N SER A 315 -33.44 -14.10 11.57
CA SER A 315 -34.21 -12.86 11.65
C SER A 315 -34.78 -12.65 13.04
N GLU A 316 -35.28 -13.71 13.66
CA GLU A 316 -35.85 -13.60 15.01
C GLU A 316 -34.77 -13.51 16.08
N PHE A 317 -33.62 -14.16 15.87
CA PHE A 317 -32.53 -14.04 16.83
C PHE A 317 -32.05 -12.60 16.94
N ARG A 318 -32.14 -11.83 15.85
CA ARG A 318 -31.72 -10.44 15.85
C ARG A 318 -32.67 -9.54 16.63
N GLU A 319 -33.88 -10.01 16.92
CA GLU A 319 -34.85 -9.23 17.68
C GLU A 319 -34.37 -9.00 19.11
N THR A 337 -9.67 -7.24 29.08
CA THR A 337 -11.11 -7.40 28.89
C THR A 337 -11.77 -6.07 28.56
N CYS A 338 -10.96 -5.04 28.31
CA CYS A 338 -11.50 -3.77 27.86
C CYS A 338 -11.97 -3.89 26.41
N ASN A 339 -12.81 -2.94 25.99
CA ASN A 339 -13.36 -2.92 24.63
C ASN A 339 -14.21 -4.15 24.35
N GLN A 340 -14.97 -4.62 25.33
CA GLN A 340 -15.91 -5.72 25.17
C GLN A 340 -17.32 -5.28 25.49
N GLU A 341 -17.71 -4.10 25.02
CA GLU A 341 -19.01 -3.53 25.35
C GLU A 341 -19.46 -2.60 24.24
N CYS A 342 -20.79 -2.47 24.12
CA CYS A 342 -21.40 -1.46 23.26
C CYS A 342 -22.78 -1.16 23.81
N ASP A 343 -23.04 0.10 24.15
CA ASP A 343 -24.32 0.48 24.73
C ASP A 343 -25.33 0.85 23.64
N ASN A 344 -24.93 1.69 22.70
CA ASN A 344 -25.86 2.21 21.68
C ASN A 344 -26.20 1.18 20.60
N CYS A 345 -25.48 0.05 20.55
CA CYS A 345 -25.64 -0.86 19.42
C CYS A 345 -27.08 -1.34 19.29
N LEU A 346 -27.70 -1.78 20.38
CA LEU A 346 -29.03 -2.35 20.29
C LEU A 346 -30.07 -1.28 19.98
N ASN A 347 -29.95 -0.11 20.61
CA ASN A 347 -30.86 0.99 20.29
C ASN A 347 -30.79 1.35 18.81
N ALA A 348 -29.58 1.38 18.25
CA ALA A 348 -29.44 1.69 16.83
C ALA A 348 -30.07 0.60 15.96
N THR A 349 -29.72 -0.67 16.22
CA THR A 349 -30.21 -1.76 15.38
C THR A 349 -31.72 -1.90 15.45
N LEU A 350 -32.31 -1.60 16.61
CA LEU A 350 -33.75 -1.74 16.79
C LEU A 350 -34.52 -0.90 15.78
N SER A 351 -34.03 0.29 15.47
CA SER A 351 -34.71 1.16 14.52
C SER A 351 -34.64 0.62 13.10
N PHE A 352 -33.46 0.14 12.68
CA PHE A 352 -33.27 -0.37 11.33
C PHE A 352 -33.74 -1.82 11.15
N ASN A 353 -34.20 -2.46 12.22
CA ASN A 353 -34.52 -3.89 12.14
C ASN A 353 -35.41 -4.23 10.94
N THR A 354 -36.39 -3.39 10.62
CA THR A 354 -37.29 -3.73 9.51
C THR A 354 -36.55 -3.74 8.18
N ILE A 355 -35.77 -2.70 7.93
CA ILE A 355 -34.98 -2.64 6.70
C ILE A 355 -34.03 -3.83 6.63
N LEU A 356 -33.41 -4.15 7.75
CA LEU A 356 -32.52 -5.31 7.79
C LEU A 356 -33.28 -6.60 7.48
N ARG A 357 -34.52 -6.67 7.96
CA ARG A 357 -35.35 -7.87 7.70
C ARG A 357 -35.49 -8.07 6.19
N LEU A 358 -35.89 -7.01 5.48
CA LEU A 358 -36.13 -7.14 4.01
C LEU A 358 -34.82 -7.53 3.32
N SER A 359 -33.70 -6.93 3.72
CA SER A 359 -32.39 -7.23 3.07
C SER A 359 -31.95 -8.64 3.46
N GLY A 360 -32.00 -9.57 2.51
CA GLY A 360 -31.61 -10.97 2.80
C GLY A 360 -30.20 -11.04 3.34
N GLU A 361 -29.95 -11.95 4.28
CA GLU A 361 -28.59 -12.11 4.84
C GLU A 361 -27.58 -12.26 3.69
N ARG A 362 -26.61 -11.35 3.61
CA ARG A 362 -25.61 -11.38 2.52
C ARG A 362 -24.22 -11.64 3.14
N VAL A 363 -23.61 -10.62 3.76
CA VAL A 363 -22.31 -10.88 4.41
C VAL A 363 -22.48 -11.79 5.62
N VAL A 364 -23.67 -11.79 6.21
CA VAL A 364 -23.97 -12.68 7.31
C VAL A 364 -23.60 -14.11 6.94
N TYR A 365 -23.79 -14.47 5.67
CA TYR A 365 -23.40 -15.80 5.24
C TYR A 365 -21.90 -16.02 5.32
N SER A 366 -21.09 -14.98 5.03
CA SER A 366 -19.66 -15.13 5.20
C SER A 366 -19.31 -15.45 6.64
N VAL A 367 -19.89 -14.72 7.59
CA VAL A 367 -19.60 -14.99 9.00
C VAL A 367 -20.07 -16.41 9.37
N TYR A 368 -21.30 -16.74 8.97
CA TYR A 368 -21.91 -18.02 9.27
C TYR A 368 -21.05 -19.18 8.76
N SER A 369 -20.63 -19.10 7.51
CA SER A 369 -19.80 -20.14 6.91
C SER A 369 -18.43 -20.22 7.57
N ALA A 370 -17.85 -19.09 7.97
CA ALA A 370 -16.58 -19.16 8.68
C ALA A 370 -16.72 -19.97 9.97
N VAL A 371 -17.73 -19.66 10.78
CA VAL A 371 -17.90 -20.38 12.04
C VAL A 371 -18.17 -21.86 11.77
N TYR A 372 -19.02 -22.17 10.80
CA TYR A 372 -19.30 -23.57 10.49
C TYR A 372 -18.05 -24.29 9.97
N ALA A 373 -17.21 -23.60 9.22
CA ALA A 373 -15.96 -24.20 8.74
C ALA A 373 -15.07 -24.59 9.91
N VAL A 374 -14.92 -23.69 10.88
CA VAL A 374 -14.10 -24.03 12.05
C VAL A 374 -14.74 -25.20 12.81
N ALA A 375 -16.06 -25.20 12.93
CA ALA A 375 -16.74 -26.28 13.63
C ALA A 375 -16.46 -27.64 12.97
N HIS A 376 -16.61 -27.70 11.65
CA HIS A 376 -16.36 -28.96 10.94
C HIS A 376 -14.88 -29.36 11.04
N ALA A 377 -13.97 -28.39 10.92
CA ALA A 377 -12.56 -28.72 11.00
C ALA A 377 -12.19 -29.29 12.37
N LEU A 378 -12.72 -28.68 13.43
CA LEU A 378 -12.51 -29.22 14.77
C LEU A 378 -13.13 -30.60 14.92
N HIS A 379 -14.34 -30.79 14.37
CA HIS A 379 -15.00 -32.09 14.43
C HIS A 379 -14.14 -33.17 13.77
N SER A 380 -13.50 -32.84 12.65
CA SER A 380 -12.63 -33.80 11.98
C SER A 380 -11.33 -34.01 12.77
N LEU A 381 -10.79 -32.93 13.35
CA LEU A 381 -9.52 -33.03 14.07
C LEU A 381 -9.65 -33.97 15.26
N LEU A 382 -10.76 -33.87 16.01
CA LEU A 382 -10.99 -34.79 17.12
C LEU A 382 -11.29 -36.21 16.64
N GLY A 383 -11.39 -36.44 15.33
CA GLY A 383 -11.79 -37.74 14.85
C GLY A 383 -13.16 -38.15 15.35
N CYS A 384 -14.02 -37.19 15.62
CA CYS A 384 -15.25 -37.43 16.35
C CYS A 384 -16.30 -38.08 15.45
N ASP A 385 -16.96 -39.09 15.99
CA ASP A 385 -18.15 -39.67 15.38
C ASP A 385 -19.37 -38.85 15.78
N LYS A 386 -20.51 -39.12 15.14
CA LYS A 386 -21.75 -38.47 15.60
C LYS A 386 -22.36 -39.25 16.75
N SER A 387 -21.53 -39.66 17.72
CA SER A 387 -22.04 -40.14 19.01
C SER A 387 -21.25 -39.51 20.16
N THR A 388 -19.94 -39.39 20.00
CA THR A 388 -19.06 -38.89 21.05
C THR A 388 -17.75 -38.40 20.44
N CYS A 389 -17.14 -37.43 21.12
CA CYS A 389 -15.81 -36.96 20.75
C CYS A 389 -14.83 -37.28 21.87
N THR A 390 -13.69 -37.88 21.51
CA THR A 390 -12.63 -38.16 22.47
C THR A 390 -11.88 -36.87 22.77
N LYS A 391 -12.33 -36.16 23.81
CA LYS A 391 -11.78 -34.84 24.09
C LYS A 391 -10.29 -34.91 24.38
N ARG A 392 -9.56 -33.90 23.90
CA ARG A 392 -8.11 -33.86 24.04
C ARG A 392 -7.67 -32.40 23.88
N VAL A 393 -6.43 -32.14 24.29
CA VAL A 393 -5.85 -30.82 24.08
C VAL A 393 -5.66 -30.61 22.58
N VAL A 394 -6.11 -29.46 22.10
CA VAL A 394 -5.99 -29.08 20.70
C VAL A 394 -5.02 -27.93 20.58
N TYR A 395 -4.02 -28.07 19.70
CA TYR A 395 -3.07 -26.99 19.44
C TYR A 395 -3.41 -26.33 18.12
N PRO A 396 -3.35 -25.00 18.03
CA PRO A 396 -3.89 -24.32 16.84
C PRO A 396 -3.32 -24.79 15.50
N TRP A 397 -2.05 -25.17 15.43
CA TRP A 397 -1.48 -25.55 14.14
C TRP A 397 -2.16 -26.78 13.56
N GLN A 398 -2.56 -27.72 14.40
CA GLN A 398 -3.29 -28.88 13.92
C GLN A 398 -4.67 -28.48 13.41
N LEU A 399 -5.32 -27.54 14.07
CA LEU A 399 -6.63 -27.09 13.61
C LEU A 399 -6.51 -26.36 12.28
N LEU A 400 -5.45 -25.58 12.08
CA LEU A 400 -5.19 -24.99 10.77
C LEU A 400 -4.97 -26.07 9.72
N GLU A 401 -4.18 -27.09 10.07
CA GLU A 401 -3.91 -28.19 9.15
C GLU A 401 -5.21 -28.85 8.70
N GLU A 402 -6.14 -29.06 9.62
CA GLU A 402 -7.43 -29.66 9.25
C GLU A 402 -8.35 -28.67 8.53
N ILE A 403 -8.29 -27.39 8.88
CA ILE A 403 -9.12 -26.39 8.22
C ILE A 403 -8.80 -26.34 6.74
N TRP A 404 -7.53 -26.53 6.38
CA TRP A 404 -7.17 -26.49 4.97
C TRP A 404 -7.86 -27.58 4.15
N LYS A 405 -8.41 -28.62 4.80
CA LYS A 405 -8.84 -29.83 4.12
C LYS A 405 -10.35 -30.05 4.08
N VAL A 406 -11.16 -29.15 4.65
CA VAL A 406 -12.60 -29.38 4.71
C VAL A 406 -13.24 -29.24 3.34
N ASN A 407 -14.38 -29.89 3.16
CA ASN A 407 -15.22 -29.73 1.98
C ASN A 407 -16.62 -30.16 2.35
N PHE A 408 -17.56 -29.21 2.46
CA PHE A 408 -18.90 -29.62 2.87
C PHE A 408 -19.96 -28.65 2.39
N THR A 409 -21.18 -29.18 2.27
CA THR A 409 -22.35 -28.40 1.91
C THR A 409 -22.90 -27.69 3.14
N LEU A 410 -23.31 -26.43 2.93
CA LEU A 410 -23.88 -25.59 3.99
C LEU A 410 -25.04 -24.81 3.38
N LEU A 411 -26.25 -25.14 3.80
CA LEU A 411 -27.46 -24.40 3.43
C LEU A 411 -27.55 -24.22 1.91
N ASP A 412 -27.43 -25.35 1.21
CA ASP A 412 -27.63 -25.40 -0.24
C ASP A 412 -26.46 -24.80 -1.01
N HIS A 413 -25.51 -24.18 -0.31
CA HIS A 413 -24.23 -23.83 -0.92
C HIS A 413 -23.20 -24.87 -0.52
N GLN A 414 -21.96 -24.68 -0.96
CA GLN A 414 -20.87 -25.58 -0.61
C GLN A 414 -19.60 -24.79 -0.42
N ILE A 415 -18.84 -25.11 0.63
CA ILE A 415 -17.59 -24.42 0.90
C ILE A 415 -16.46 -25.43 0.99
N PHE A 416 -15.38 -25.11 0.28
CA PHE A 416 -14.08 -25.74 0.37
C PHE A 416 -13.07 -24.67 0.01
N PHE A 417 -11.83 -24.84 0.47
CA PHE A 417 -10.82 -23.78 0.36
C PHE A 417 -9.91 -24.03 -0.83
N ASP A 418 -9.72 -23.01 -1.64
CA ASP A 418 -8.83 -23.02 -2.80
C ASP A 418 -7.38 -23.11 -2.36
N PRO A 419 -6.46 -23.37 -3.29
CA PRO A 419 -5.03 -23.27 -2.96
C PRO A 419 -4.65 -21.90 -2.40
N GLN A 420 -5.29 -20.83 -2.86
CA GLN A 420 -5.03 -19.50 -2.34
C GLN A 420 -5.83 -19.20 -1.07
N GLY A 421 -6.57 -20.17 -0.54
CA GLY A 421 -7.29 -19.98 0.70
C GLY A 421 -8.61 -19.26 0.58
N ASP A 422 -9.04 -18.92 -0.63
CA ASP A 422 -10.34 -18.31 -0.81
C ASP A 422 -11.42 -19.39 -0.88
N VAL A 423 -12.68 -18.94 -0.77
CA VAL A 423 -13.83 -19.81 -0.98
C VAL A 423 -14.69 -19.20 -2.08
N ALA A 424 -15.22 -20.06 -2.95
CA ALA A 424 -16.01 -19.61 -4.09
C ALA A 424 -17.45 -19.38 -3.67
N LEU A 425 -17.89 -18.13 -3.71
CA LEU A 425 -19.29 -17.77 -3.52
C LEU A 425 -19.74 -16.84 -4.63
N HIS A 426 -21.01 -16.98 -5.01
CA HIS A 426 -21.56 -16.15 -6.08
C HIS A 426 -21.57 -14.69 -5.67
N LEU A 427 -21.12 -13.82 -6.56
CA LEU A 427 -21.29 -12.39 -6.38
C LEU A 427 -22.61 -11.94 -7.01
N GLU A 428 -23.06 -10.77 -6.60
CA GLU A 428 -24.37 -10.26 -6.97
C GLU A 428 -24.27 -8.77 -7.22
N ILE A 429 -25.00 -8.29 -8.23
CA ILE A 429 -25.13 -6.87 -8.51
C ILE A 429 -26.55 -6.45 -8.16
N VAL A 430 -26.67 -5.36 -7.40
CA VAL A 430 -27.91 -4.99 -6.75
C VAL A 430 -28.25 -3.55 -7.07
N GLN A 431 -29.52 -3.27 -7.26
CA GLN A 431 -30.04 -1.92 -7.48
C GLN A 431 -30.77 -1.46 -6.23
N TRP A 432 -30.50 -0.22 -5.81
CA TRP A 432 -31.20 0.33 -4.67
C TRP A 432 -32.65 0.64 -5.02
N GLN A 433 -33.56 0.29 -4.11
CA GLN A 433 -34.99 0.53 -4.27
C GLN A 433 -35.55 1.17 -3.01
N TRP A 434 -36.51 2.08 -3.18
CA TRP A 434 -37.01 2.94 -2.11
C TRP A 434 -38.48 2.74 -1.78
N ASP A 435 -39.12 1.67 -2.25
CA ASP A 435 -40.55 1.51 -2.00
C ASP A 435 -40.85 1.16 -0.55
N ARG A 436 -39.92 0.49 0.14
CA ARG A 436 -40.08 0.09 1.53
C ARG A 436 -41.12 -1.01 1.73
N SER A 437 -41.79 -1.42 0.65
CA SER A 437 -42.73 -2.53 0.71
C SER A 437 -42.09 -3.86 0.31
N GLN A 438 -40.89 -3.84 -0.27
CA GLN A 438 -40.18 -5.06 -0.64
C GLN A 438 -38.68 -4.78 -0.59
N ASN A 439 -37.89 -5.82 -0.85
CA ASN A 439 -36.44 -5.82 -0.71
C ASN A 439 -35.83 -4.52 -1.22
N PRO A 440 -35.11 -3.77 -0.37
CA PRO A 440 -34.52 -2.50 -0.81
C PRO A 440 -33.29 -2.65 -1.69
N PHE A 441 -32.72 -3.85 -1.80
CA PHE A 441 -31.54 -4.11 -2.64
C PHE A 441 -31.91 -5.22 -3.61
N GLN A 442 -32.49 -4.83 -4.75
CA GLN A 442 -32.95 -5.81 -5.73
C GLN A 442 -31.78 -6.46 -6.46
N SER A 443 -31.84 -7.78 -6.61
CA SER A 443 -30.88 -8.49 -7.44
C SER A 443 -31.14 -8.19 -8.91
N VAL A 444 -30.09 -7.90 -9.67
CA VAL A 444 -30.24 -7.64 -11.10
C VAL A 444 -29.26 -8.45 -11.96
N ALA A 445 -28.20 -9.03 -11.39
CA ALA A 445 -27.30 -9.89 -12.11
C ALA A 445 -26.46 -10.65 -11.09
N SER A 446 -25.81 -11.74 -11.54
CA SER A 446 -24.99 -12.53 -10.64
C SER A 446 -23.70 -12.95 -11.34
N TYR A 447 -22.58 -12.83 -10.64
CA TYR A 447 -21.26 -13.11 -11.20
C TYR A 447 -20.71 -14.38 -10.58
N TYR A 448 -20.33 -15.34 -11.43
CA TYR A 448 -19.82 -16.62 -10.93
C TYR A 448 -18.30 -16.60 -10.96
N PRO A 449 -17.62 -16.56 -9.82
CA PRO A 449 -16.14 -16.46 -9.85
C PRO A 449 -15.45 -17.68 -10.42
N LEU A 450 -16.05 -18.87 -10.32
CA LEU A 450 -15.42 -20.05 -10.91
C LEU A 450 -15.42 -19.96 -12.43
N GLN A 451 -16.48 -19.40 -13.01
CA GLN A 451 -16.56 -19.21 -14.45
C GLN A 451 -16.02 -17.85 -14.88
N ARG A 452 -15.80 -16.93 -13.95
CA ARG A 452 -15.28 -15.61 -14.26
C ARG A 452 -16.18 -14.89 -15.26
N GLN A 453 -17.49 -15.00 -15.06
CA GLN A 453 -18.45 -14.43 -15.98
C GLN A 453 -19.63 -13.82 -15.22
N LEU A 454 -20.08 -12.67 -15.71
CA LEU A 454 -21.31 -12.06 -15.26
C LEU A 454 -22.48 -12.71 -16.01
N LYS A 455 -23.51 -13.09 -15.26
CA LYS A 455 -24.56 -13.97 -15.75
C LYS A 455 -25.93 -13.44 -15.39
N ASN A 456 -26.89 -13.76 -16.27
CA ASN A 456 -28.33 -13.68 -15.97
C ASN A 456 -28.74 -12.26 -15.55
N ILE A 457 -28.40 -11.28 -16.37
CA ILE A 457 -28.77 -9.90 -16.10
C ILE A 457 -30.28 -9.74 -16.30
N GLN A 458 -30.94 -9.14 -15.31
CA GLN A 458 -32.38 -9.01 -15.29
C GLN A 458 -32.79 -7.57 -15.62
N ASP A 459 -34.07 -7.26 -15.43
CA ASP A 459 -34.65 -5.99 -15.84
C ASP A 459 -34.28 -4.85 -14.90
N ILE A 460 -33.18 -4.15 -15.20
CA ILE A 460 -32.87 -2.92 -14.49
C ILE A 460 -33.84 -1.83 -14.91
N SER A 461 -34.16 -0.93 -13.97
CA SER A 461 -34.96 0.24 -14.24
C SER A 461 -34.08 1.47 -14.20
N TRP A 462 -34.31 2.41 -15.12
CA TRP A 462 -33.43 3.54 -15.33
C TRP A 462 -34.17 4.86 -15.07
N HIS A 463 -33.38 5.90 -14.82
CA HIS A 463 -33.90 7.25 -14.70
C HIS A 463 -34.30 7.84 -16.05
N THR A 464 -34.00 7.17 -17.15
CA THR A 464 -34.24 7.73 -18.47
C THR A 464 -35.73 7.79 -18.77
N ILE A 465 -36.07 8.56 -19.81
CA ILE A 465 -37.46 8.93 -20.06
C ILE A 465 -38.35 7.72 -20.29
N ASN A 466 -37.86 6.74 -21.03
CA ASN A 466 -38.65 5.54 -21.33
C ASN A 466 -37.84 4.29 -21.04
N ASN A 467 -36.99 4.34 -20.02
CA ASN A 467 -36.19 3.21 -19.58
C ASN A 467 -35.25 2.71 -20.68
N THR A 468 -34.94 3.55 -21.66
CA THR A 468 -33.87 3.22 -22.60
C THR A 468 -32.53 3.38 -21.90
N ILE A 469 -31.62 2.45 -22.18
CA ILE A 469 -30.35 2.36 -21.45
C ILE A 469 -29.58 3.67 -21.62
N PRO A 470 -29.15 4.31 -20.52
CA PRO A 470 -28.28 5.48 -20.64
C PRO A 470 -26.86 5.07 -20.97
N MET A 471 -26.07 6.05 -21.41
CA MET A 471 -24.69 5.79 -21.79
C MET A 471 -23.87 7.07 -21.64
N SER A 472 -22.55 6.87 -21.54
CA SER A 472 -21.59 7.95 -21.73
C SER A 472 -20.43 7.40 -22.53
N MET A 473 -20.12 8.05 -23.65
CA MET A 473 -19.00 7.64 -24.49
C MET A 473 -18.30 8.87 -25.03
N CYS A 474 -16.98 8.75 -25.21
CA CYS A 474 -16.19 9.92 -25.61
C CYS A 474 -16.56 10.39 -27.01
N SER A 475 -16.74 9.47 -27.95
CA SER A 475 -17.05 9.82 -29.33
C SER A 475 -18.05 8.82 -29.91
N LYS A 476 -19.03 9.34 -30.65
CA LYS A 476 -20.04 8.49 -31.27
C LYS A 476 -19.44 7.65 -32.38
N ARG A 477 -20.07 6.51 -32.64
CA ARG A 477 -19.58 5.60 -33.66
C ARG A 477 -19.65 6.25 -35.05
N CYS A 478 -18.57 6.12 -35.82
CA CYS A 478 -18.48 6.78 -37.12
C CYS A 478 -19.37 6.09 -38.15
N GLN A 479 -19.72 6.85 -39.19
CA GLN A 479 -20.44 6.31 -40.32
C GLN A 479 -19.51 5.47 -41.20
N SER A 480 -20.11 4.70 -42.10
CA SER A 480 -19.34 3.95 -43.08
C SER A 480 -18.53 4.89 -43.95
N GLY A 481 -17.31 4.46 -44.32
CA GLY A 481 -16.44 5.28 -45.11
C GLY A 481 -15.68 6.35 -44.36
N GLN A 482 -15.84 6.42 -43.04
CA GLN A 482 -15.12 7.37 -42.20
C GLN A 482 -14.07 6.65 -41.37
N LYS A 483 -12.83 7.11 -41.48
CA LYS A 483 -11.73 6.59 -40.69
C LYS A 483 -11.63 7.33 -39.36
N LYS A 484 -10.97 6.69 -38.40
CA LYS A 484 -10.73 7.26 -37.09
C LYS A 484 -9.48 8.14 -37.10
N LYS A 485 -9.44 9.07 -36.14
CA LYS A 485 -8.19 9.78 -35.81
C LYS A 485 -8.21 10.01 -34.30
N PRO A 486 -7.19 9.56 -33.56
CA PRO A 486 -7.25 9.70 -32.10
C PRO A 486 -7.29 11.16 -31.68
N VAL A 487 -8.13 11.45 -30.68
CA VAL A 487 -8.27 12.82 -30.19
C VAL A 487 -7.14 13.17 -29.23
N GLY A 488 -6.75 12.23 -28.36
CA GLY A 488 -5.77 12.54 -27.33
C GLY A 488 -5.16 11.31 -26.70
N ILE A 489 -4.96 11.37 -25.38
CA ILE A 489 -4.29 10.28 -24.67
C ILE A 489 -5.12 9.01 -24.74
N HIS A 490 -6.44 9.12 -24.54
CA HIS A 490 -7.30 7.95 -24.43
C HIS A 490 -7.58 7.37 -25.81
N VAL A 491 -7.39 6.06 -25.94
CA VAL A 491 -7.75 5.37 -27.17
C VAL A 491 -9.24 5.48 -27.44
N CYS A 492 -10.05 5.67 -26.40
CA CYS A 492 -11.50 5.65 -26.55
C CYS A 492 -12.05 6.88 -27.27
N CYS A 493 -11.23 7.90 -27.52
CA CYS A 493 -11.67 9.13 -28.15
C CYS A 493 -11.13 9.20 -29.56
N PHE A 494 -12.02 9.41 -30.53
CA PHE A 494 -11.60 9.52 -31.93
C PHE A 494 -12.52 10.43 -32.72
N GLU A 495 -11.92 11.24 -33.58
CA GLU A 495 -12.63 11.97 -34.61
C GLU A 495 -12.92 11.06 -35.79
N CYS A 496 -13.99 11.38 -36.53
CA CYS A 496 -14.36 10.67 -37.75
C CYS A 496 -14.06 11.57 -38.94
N ILE A 497 -13.32 11.04 -39.92
CA ILE A 497 -12.97 11.79 -41.12
C ILE A 497 -13.24 10.94 -42.36
N ASP A 498 -13.97 11.48 -43.32
CA ASP A 498 -14.30 10.75 -44.53
C ASP A 498 -13.05 10.50 -45.38
N CYS A 499 -13.00 9.32 -46.01
CA CYS A 499 -11.90 9.02 -46.93
C CYS A 499 -11.99 9.91 -48.16
N LEU A 500 -10.82 10.30 -48.69
CA LEU A 500 -10.78 11.15 -49.86
C LEU A 500 -11.11 10.35 -51.13
N PRO A 501 -11.54 11.02 -52.19
CA PRO A 501 -11.73 10.32 -53.47
C PRO A 501 -10.45 9.64 -53.91
N GLY A 502 -10.59 8.46 -54.52
CA GLY A 502 -9.46 7.64 -54.88
C GLY A 502 -8.90 6.81 -53.74
N THR A 503 -9.52 6.85 -52.56
CA THR A 503 -9.10 6.07 -51.42
C THR A 503 -10.33 5.50 -50.74
N PHE A 504 -10.13 4.45 -49.96
CA PHE A 504 -11.24 3.78 -49.29
C PHE A 504 -10.76 3.18 -47.98
N LEU A 505 -11.69 2.98 -47.06
CA LEU A 505 -11.40 2.36 -45.77
C LEU A 505 -11.62 0.86 -45.89
N ASN A 506 -10.54 0.09 -45.91
CA ASN A 506 -10.61 -1.36 -45.84
C ASN A 506 -10.79 -1.74 -44.38
N HIS A 507 -12.04 -1.67 -43.92
CA HIS A 507 -12.33 -1.87 -42.50
C HIS A 507 -11.89 -3.24 -42.00
N THR A 508 -11.74 -4.21 -42.91
CA THR A 508 -11.29 -5.54 -42.51
C THR A 508 -9.81 -5.57 -42.11
N GLU A 509 -9.06 -4.52 -42.42
CA GLU A 509 -7.62 -4.47 -42.15
C GLU A 509 -7.21 -3.31 -41.25
N ASP A 510 -7.86 -2.15 -41.39
CA ASP A 510 -7.48 -0.99 -40.59
C ASP A 510 -8.70 -0.11 -40.37
N GLU A 511 -8.62 0.70 -39.31
CA GLU A 511 -9.65 1.68 -38.98
C GLU A 511 -9.15 3.12 -38.98
N TYR A 512 -7.84 3.35 -38.97
CA TYR A 512 -7.27 4.68 -38.79
C TYR A 512 -6.77 5.32 -40.08
N GLU A 513 -6.82 4.62 -41.21
CA GLU A 513 -6.31 5.18 -42.46
C GLU A 513 -7.06 4.57 -43.64
N CYS A 514 -7.14 5.34 -44.73
CA CYS A 514 -7.82 4.92 -45.95
C CYS A 514 -6.81 4.47 -46.99
N GLN A 515 -7.07 3.33 -47.61
CA GLN A 515 -6.16 2.79 -48.63
C GLN A 515 -6.57 3.30 -50.02
N ALA A 516 -5.56 3.42 -50.89
CA ALA A 516 -5.78 3.91 -52.24
C ALA A 516 -6.45 2.85 -53.10
N CYS A 517 -7.27 3.30 -54.05
CA CYS A 517 -7.90 2.39 -55.00
C CYS A 517 -6.86 1.87 -55.99
N PRO A 518 -7.13 0.72 -56.63
CA PRO A 518 -6.26 0.27 -57.72
C PRO A 518 -6.02 1.37 -58.74
N ASN A 519 -4.93 1.23 -59.51
CA ASN A 519 -4.53 2.27 -60.44
C ASN A 519 -5.54 2.46 -61.57
N ASN A 520 -6.47 1.55 -61.76
CA ASN A 520 -7.51 1.67 -62.78
C ASN A 520 -8.88 2.00 -62.18
N GLU A 521 -8.94 2.39 -60.91
CA GLU A 521 -10.21 2.58 -60.23
C GLU A 521 -10.13 3.81 -59.33
N TRP A 522 -11.31 4.28 -58.92
CA TRP A 522 -11.46 5.54 -58.20
C TRP A 522 -12.63 5.40 -57.23
N SER A 523 -12.77 6.40 -56.35
CA SER A 523 -13.80 6.35 -55.32
C SER A 523 -14.31 7.77 -55.03
N TYR A 524 -15.49 7.82 -54.41
CA TYR A 524 -16.07 9.07 -53.94
C TYR A 524 -15.54 9.41 -52.55
N GLN A 525 -15.99 10.55 -52.02
CA GLN A 525 -15.78 10.84 -50.60
C GLN A 525 -16.62 9.91 -49.73
N SER A 526 -16.07 9.55 -48.58
CA SER A 526 -16.79 8.76 -47.58
C SER A 526 -17.32 7.46 -48.20
N GLU A 527 -16.43 6.76 -48.90
CA GLU A 527 -16.79 5.55 -49.64
C GLU A 527 -15.80 4.44 -49.35
N THR A 528 -16.30 3.22 -49.26
CA THR A 528 -15.48 2.03 -49.06
C THR A 528 -15.20 1.28 -50.35
N SER A 529 -15.94 1.56 -51.41
CA SER A 529 -15.79 0.89 -52.70
C SER A 529 -14.81 1.64 -53.60
N CYS A 530 -14.47 0.98 -54.70
CA CYS A 530 -13.73 1.59 -55.81
C CYS A 530 -14.43 1.20 -57.10
N PHE A 531 -14.34 2.06 -58.11
CA PHE A 531 -15.02 1.83 -59.37
C PHE A 531 -14.12 2.23 -60.53
N LYS A 532 -14.43 1.67 -61.71
CA LYS A 532 -13.60 1.81 -62.91
C LYS A 532 -14.05 3.02 -63.71
N ARG A 533 -13.63 4.20 -63.25
CA ARG A 533 -13.90 5.44 -63.96
C ARG A 533 -12.80 6.45 -63.63
N GLN A 534 -12.62 7.41 -64.52
CA GLN A 534 -11.69 8.50 -64.28
C GLN A 534 -12.20 9.40 -63.17
N LEU B 3 36.03 -18.49 16.43
CA LEU B 3 35.79 -17.29 17.28
C LEU B 3 34.73 -17.54 18.34
N CYS B 4 34.72 -16.68 19.36
CA CYS B 4 33.61 -16.58 20.31
C CYS B 4 33.05 -15.18 20.13
N LEU B 5 32.13 -15.05 19.17
CA LEU B 5 31.62 -13.75 18.74
C LEU B 5 30.12 -13.61 18.88
N SER B 6 29.36 -14.68 18.61
CA SER B 6 27.93 -14.64 18.90
C SER B 6 27.68 -14.34 20.37
N GLN B 7 28.51 -14.91 21.24
CA GLN B 7 28.36 -14.72 22.68
C GLN B 7 28.51 -13.27 23.09
N GLN B 8 29.13 -12.45 22.24
CA GLN B 8 29.33 -11.04 22.52
C GLN B 8 28.17 -10.17 22.05
N LEU B 9 27.12 -10.75 21.46
CA LEU B 9 25.99 -9.95 21.01
C LEU B 9 25.12 -9.45 22.16
N ARG B 10 25.57 -9.61 23.41
CA ARG B 10 24.82 -9.15 24.57
C ARG B 10 25.80 -8.79 25.68
N MET B 11 25.49 -7.72 26.41
CA MET B 11 26.20 -7.41 27.65
C MET B 11 25.31 -6.53 28.51
N LYS B 12 25.53 -6.61 29.83
CA LYS B 12 24.64 -6.00 30.80
C LYS B 12 24.84 -4.49 30.91
N GLY B 13 23.84 -3.81 31.43
CA GLY B 13 23.92 -2.39 31.73
C GLY B 13 22.73 -1.95 32.53
N ASP B 14 22.83 -0.73 33.07
CA ASP B 14 21.72 -0.17 33.83
C ASP B 14 20.52 0.13 32.93
N TYR B 15 20.78 0.50 31.68
CA TYR B 15 19.75 0.65 30.66
C TYR B 15 20.18 -0.14 29.43
N VAL B 16 19.22 -0.77 28.76
CA VAL B 16 19.49 -1.72 27.69
C VAL B 16 18.90 -1.21 26.39
N LEU B 17 19.71 -1.21 25.33
CA LEU B 17 19.25 -0.91 23.99
C LEU B 17 19.05 -2.20 23.20
N GLY B 18 17.85 -2.37 22.65
CA GLY B 18 17.63 -3.46 21.71
C GLY B 18 18.08 -3.08 20.31
N GLY B 19 18.41 -4.11 19.52
CA GLY B 19 18.89 -3.87 18.17
C GLY B 19 18.48 -4.96 17.20
N LEU B 20 18.10 -4.55 15.99
CA LEU B 20 17.71 -5.48 14.94
C LEU B 20 18.59 -5.29 13.73
N PHE B 21 19.19 -6.37 13.25
CA PHE B 21 20.06 -6.35 12.09
C PHE B 21 19.84 -7.60 11.26
N PRO B 22 20.11 -7.56 9.96
CA PRO B 22 20.08 -8.78 9.12
C PRO B 22 21.38 -9.57 9.23
N LEU B 23 21.62 -10.15 10.40
CA LEU B 23 22.85 -10.91 10.61
C LEU B 23 22.91 -12.13 9.71
N GLY B 24 21.77 -12.81 9.52
CA GLY B 24 21.69 -13.98 8.69
C GLY B 24 20.66 -13.83 7.58
N GLU B 25 20.60 -14.86 6.74
CA GLU B 25 19.64 -14.88 5.64
C GLU B 25 19.18 -16.32 5.40
N ALA B 26 18.00 -16.44 4.79
CA ALA B 26 17.48 -17.74 4.40
C ALA B 26 18.20 -18.27 3.17
N GLU B 27 18.38 -19.59 3.14
CA GLU B 27 18.75 -20.26 1.90
C GLU B 27 17.49 -20.45 1.04
N GLU B 28 17.72 -20.59 -0.26
CA GLU B 28 16.59 -20.71 -1.18
C GLU B 28 15.74 -21.93 -0.85
N ALA B 29 16.39 -23.08 -0.60
CA ALA B 29 15.66 -24.24 -0.11
C ALA B 29 15.18 -24.05 1.32
N GLY B 30 15.71 -23.05 2.04
CA GLY B 30 15.28 -22.72 3.37
C GLY B 30 14.03 -21.90 3.46
N LEU B 31 13.42 -21.55 2.33
CA LEU B 31 12.13 -20.87 2.32
C LEU B 31 11.04 -21.89 2.57
N ARG B 32 11.16 -22.60 3.68
CA ARG B 32 10.32 -23.76 3.95
C ARG B 32 8.90 -23.35 4.33
N SER B 33 7.93 -24.14 3.87
CA SER B 33 6.55 -24.02 4.32
C SER B 33 6.44 -24.60 5.73
N ARG B 34 6.30 -23.73 6.73
CA ARG B 34 6.26 -24.18 8.11
C ARG B 34 4.99 -24.97 8.40
N THR B 35 5.15 -26.07 9.14
CA THR B 35 4.02 -26.88 9.59
C THR B 35 3.93 -26.97 11.10
N ARG B 36 5.00 -26.64 11.83
CA ARG B 36 4.96 -26.47 13.27
C ARG B 36 5.45 -25.08 13.62
N PRO B 37 4.84 -24.42 14.62
CA PRO B 37 5.18 -23.01 14.90
C PRO B 37 6.53 -22.81 15.59
N SER B 38 7.59 -22.80 14.77
CA SER B 38 8.92 -22.44 15.25
C SER B 38 9.59 -21.56 14.20
N SER B 39 10.61 -20.82 14.64
CA SER B 39 11.23 -19.81 13.80
C SER B 39 12.13 -20.46 12.75
N PRO B 40 12.16 -19.91 11.53
CA PRO B 40 13.15 -20.36 10.55
C PRO B 40 14.57 -20.23 11.09
N VAL B 41 15.38 -21.26 10.87
CA VAL B 41 16.78 -21.26 11.29
C VAL B 41 17.61 -20.75 10.11
N CYS B 42 17.99 -19.47 10.15
CA CYS B 42 18.74 -18.84 9.07
C CYS B 42 20.23 -19.09 9.30
N THR B 43 20.70 -20.24 8.81
CA THR B 43 22.09 -20.62 9.00
C THR B 43 23.04 -19.81 8.13
N ARG B 44 22.56 -19.31 6.99
CA ARG B 44 23.45 -18.67 6.03
C ARG B 44 23.85 -17.27 6.48
N PHE B 45 25.15 -17.00 6.44
CA PHE B 45 25.72 -15.76 6.95
C PHE B 45 25.64 -14.65 5.91
N SER B 46 25.70 -13.41 6.39
CA SER B 46 25.72 -12.22 5.55
C SER B 46 26.51 -11.14 6.28
N SER B 47 27.51 -10.55 5.60
CA SER B 47 28.52 -9.73 6.27
C SER B 47 28.00 -8.34 6.63
N ASN B 48 27.13 -7.75 5.80
CA ASN B 48 26.68 -6.38 6.05
C ASN B 48 26.08 -6.24 7.44
N GLY B 49 25.23 -7.20 7.84
CA GLY B 49 24.61 -7.13 9.15
C GLY B 49 25.62 -7.19 10.27
N LEU B 50 26.63 -8.05 10.15
CA LEU B 50 27.65 -8.14 11.19
C LEU B 50 28.45 -6.85 11.28
N LEU B 51 28.77 -6.23 10.14
CA LEU B 51 29.47 -4.95 10.18
C LEU B 51 28.64 -3.88 10.87
N TRP B 52 27.34 -3.82 10.57
CA TRP B 52 26.47 -2.86 11.25
C TRP B 52 26.40 -3.13 12.75
N ALA B 53 26.32 -4.40 13.15
CA ALA B 53 26.29 -4.74 14.56
C ALA B 53 27.58 -4.33 15.26
N LEU B 54 28.70 -4.53 14.59
CA LEU B 54 29.97 -4.12 15.17
C LEU B 54 29.98 -2.61 15.34
N ALA B 55 29.45 -1.90 14.35
CA ALA B 55 29.34 -0.44 14.48
C ALA B 55 28.54 -0.06 15.72
N MET B 56 27.44 -0.76 15.98
CA MET B 56 26.67 -0.49 17.19
C MET B 56 27.49 -0.76 18.44
N LYS B 57 28.25 -1.86 18.46
CA LYS B 57 29.08 -2.16 19.61
C LYS B 57 30.10 -1.05 19.83
N MET B 58 30.72 -0.57 18.75
CA MET B 58 31.68 0.52 18.88
C MET B 58 31.02 1.77 19.45
N ALA B 59 29.83 2.10 18.95
CA ALA B 59 29.13 3.29 19.45
C ALA B 59 28.83 3.17 20.94
N VAL B 60 28.33 2.01 21.37
CA VAL B 60 28.03 1.83 22.79
C VAL B 60 29.30 1.87 23.63
N GLU B 61 30.39 1.30 23.11
CA GLU B 61 31.66 1.37 23.84
C GLU B 61 32.08 2.81 24.05
N GLU B 62 31.99 3.64 23.01
CA GLU B 62 32.32 5.05 23.16
C GLU B 62 31.39 5.75 24.14
N ILE B 63 30.08 5.45 24.07
CA ILE B 63 29.15 6.10 24.97
C ILE B 63 29.45 5.73 26.42
N ASN B 64 29.95 4.52 26.66
CA ASN B 64 30.36 4.15 28.01
C ASN B 64 31.66 4.84 28.40
N ASN B 65 32.60 4.98 27.46
CA ASN B 65 33.91 5.53 27.79
C ASN B 65 33.83 7.01 28.16
N LYS B 66 33.03 7.79 27.43
CA LYS B 66 32.99 9.23 27.64
C LYS B 66 32.34 9.57 28.97
N SER B 67 33.05 10.34 29.79
CA SER B 67 32.50 10.83 31.05
C SER B 67 31.44 11.90 30.83
N ASP B 68 31.37 12.48 29.64
CA ASP B 68 30.49 13.61 29.37
C ASP B 68 29.03 13.20 29.21
N LEU B 69 28.75 11.92 28.99
CA LEU B 69 27.40 11.43 28.77
C LEU B 69 27.07 10.33 29.76
N LEU B 70 25.85 10.37 30.29
CA LEU B 70 25.37 9.39 31.25
C LEU B 70 26.40 9.13 32.35
N PRO B 71 26.92 10.17 32.99
CA PRO B 71 27.94 9.97 34.02
C PRO B 71 27.40 9.14 35.18
N GLY B 72 28.10 8.05 35.48
CA GLY B 72 27.73 7.17 36.57
C GLY B 72 26.84 6.00 36.19
N LEU B 73 26.51 5.84 34.91
CA LEU B 73 25.66 4.76 34.45
C LEU B 73 26.35 3.97 33.35
N ARG B 74 26.06 2.67 33.30
CA ARG B 74 26.58 1.79 32.27
C ARG B 74 25.45 1.44 31.30
N LEU B 75 25.72 1.56 30.00
CA LEU B 75 24.74 1.33 28.96
C LEU B 75 25.03 0.00 28.27
N GLY B 76 24.00 -0.85 28.19
CA GLY B 76 24.12 -2.16 27.60
C GLY B 76 23.34 -2.29 26.30
N TYR B 77 23.57 -3.41 25.62
CA TYR B 77 22.93 -3.68 24.34
C TYR B 77 22.50 -5.14 24.25
N ASP B 78 21.57 -5.39 23.33
CA ASP B 78 21.01 -6.73 23.13
C ASP B 78 20.57 -6.82 21.67
N LEU B 79 21.36 -7.51 20.85
CA LEU B 79 21.16 -7.56 19.40
C LEU B 79 20.52 -8.88 18.98
N PHE B 80 19.64 -8.81 17.99
CA PHE B 80 18.97 -9.98 17.44
C PHE B 80 19.03 -9.95 15.91
N ASP B 81 18.98 -11.14 15.32
CA ASP B 81 18.93 -11.27 13.87
C ASP B 81 17.51 -11.08 13.37
N THR B 82 17.35 -10.38 12.26
CA THR B 82 16.06 -10.26 11.62
C THR B 82 15.84 -11.28 10.51
N CYS B 83 16.91 -11.72 9.84
CA CYS B 83 16.81 -12.60 8.67
C CYS B 83 15.91 -12.00 7.58
N SER B 84 15.71 -10.69 7.60
CA SER B 84 15.04 -9.96 6.53
C SER B 84 13.62 -10.45 6.28
N GLU B 85 12.97 -11.06 7.28
CA GLU B 85 11.60 -11.51 7.12
C GLU B 85 10.76 -11.16 8.34
N PRO B 86 9.49 -10.79 8.15
CA PRO B 86 8.62 -10.48 9.31
C PRO B 86 8.54 -11.59 10.33
N VAL B 87 8.49 -12.85 9.89
CA VAL B 87 8.29 -13.97 10.82
C VAL B 87 9.41 -14.00 11.85
N VAL B 88 10.66 -13.89 11.39
CA VAL B 88 11.79 -13.90 12.29
C VAL B 88 11.88 -12.61 13.08
N ALA B 89 11.61 -11.47 12.43
CA ALA B 89 11.77 -10.18 13.09
C ALA B 89 10.78 -9.98 14.24
N MET B 90 9.59 -10.58 14.14
CA MET B 90 8.56 -10.30 15.14
C MET B 90 8.85 -10.96 16.48
N LYS B 91 9.52 -12.10 16.49
CA LYS B 91 9.80 -12.78 17.75
C LYS B 91 10.67 -11.94 18.67
N PRO B 92 11.83 -11.44 18.26
CA PRO B 92 12.60 -10.56 19.15
C PRO B 92 11.90 -9.24 19.40
N SER B 93 11.03 -8.80 18.50
CA SER B 93 10.23 -7.61 18.77
C SER B 93 9.35 -7.82 20.00
N LEU B 94 8.69 -8.97 20.08
CA LEU B 94 7.93 -9.30 21.29
C LEU B 94 8.87 -9.46 22.49
N MET B 95 10.03 -10.08 22.28
CA MET B 95 10.93 -10.33 23.41
C MET B 95 11.39 -9.02 24.03
N PHE B 96 11.64 -7.99 23.21
CA PHE B 96 12.13 -6.73 23.73
C PHE B 96 11.17 -6.15 24.77
N LEU B 97 9.88 -6.15 24.47
CA LEU B 97 8.89 -5.53 25.34
C LEU B 97 8.42 -6.42 26.48
N ALA B 98 9.08 -7.56 26.69
CA ALA B 98 8.74 -8.40 27.84
C ALA B 98 9.09 -7.67 29.13
N LYS B 99 8.45 -8.09 30.21
CA LYS B 99 8.66 -7.46 31.51
C LYS B 99 10.14 -7.47 31.88
N ALA B 100 10.56 -6.41 32.57
CA ALA B 100 11.91 -6.35 33.09
C ALA B 100 12.17 -7.53 34.02
N GLY B 101 13.30 -8.21 33.81
CA GLY B 101 13.62 -9.36 34.63
C GLY B 101 12.76 -10.56 34.40
N SER B 102 12.13 -10.68 33.24
CA SER B 102 11.24 -11.79 32.95
C SER B 102 11.17 -12.01 31.44
N ARG B 103 10.57 -13.13 31.07
CA ARG B 103 10.48 -13.58 29.68
C ARG B 103 9.04 -13.59 29.19
N ASP B 104 8.20 -12.71 29.73
CA ASP B 104 6.77 -12.70 29.43
C ASP B 104 6.33 -11.32 28.94
N ILE B 105 5.39 -11.33 28.01
CA ILE B 105 4.73 -10.12 27.53
C ILE B 105 3.31 -10.13 28.06
N ALA B 106 2.83 -8.97 28.51
CA ALA B 106 1.59 -8.85 29.26
C ALA B 106 0.52 -8.15 28.44
N ALA B 107 -0.73 -8.58 28.62
CA ALA B 107 -1.87 -8.07 27.88
C ALA B 107 -2.79 -7.16 28.70
N TYR B 108 -2.24 -6.43 29.67
CA TYR B 108 -3.07 -5.57 30.52
C TYR B 108 -3.76 -4.48 29.70
N CYS B 109 -4.83 -3.93 30.26
CA CYS B 109 -5.56 -2.85 29.61
C CYS B 109 -5.02 -1.46 29.94
N ASN B 110 -4.19 -1.34 30.98
CA ASN B 110 -3.49 -0.09 31.27
C ASN B 110 -2.07 -0.42 31.69
N TYR B 111 -1.13 0.50 31.38
CA TYR B 111 0.30 0.23 31.50
C TYR B 111 1.04 1.30 32.30
N THR B 112 0.36 2.03 33.19
CA THR B 112 0.96 3.23 33.76
C THR B 112 2.27 2.92 34.50
N GLN B 113 2.43 1.71 35.03
CA GLN B 113 3.67 1.35 35.71
C GLN B 113 4.21 0.01 35.20
N TYR B 114 3.97 -0.29 33.92
CA TYR B 114 4.63 -1.38 33.23
C TYR B 114 6.04 -0.96 32.83
N GLN B 115 6.94 -1.95 32.72
CA GLN B 115 8.31 -1.65 32.29
C GLN B 115 8.89 -2.76 31.42
N PRO B 116 9.11 -2.51 30.13
CA PRO B 116 9.79 -3.50 29.29
C PRO B 116 11.28 -3.54 29.57
N ARG B 117 11.93 -4.62 29.12
CA ARG B 117 13.32 -4.85 29.47
C ARG B 117 14.29 -3.99 28.66
N VAL B 118 13.85 -3.34 27.59
CA VAL B 118 14.71 -2.47 26.81
C VAL B 118 14.17 -1.05 26.83
N LEU B 119 15.07 -0.09 26.83
CA LEU B 119 14.69 1.33 26.81
C LEU B 119 14.25 1.77 25.41
N ALA B 120 14.98 1.35 24.38
CA ALA B 120 14.67 1.75 23.00
C ALA B 120 15.25 0.71 22.06
N VAL B 121 14.79 0.74 20.82
CA VAL B 121 15.18 -0.25 19.82
C VAL B 121 15.82 0.45 18.63
N ILE B 122 17.04 0.03 18.30
CA ILE B 122 17.66 0.35 17.03
C ILE B 122 17.00 -0.53 15.97
N GLY B 123 16.26 0.10 15.08
CA GLY B 123 15.28 -0.57 14.26
C GLY B 123 15.90 -1.31 13.09
N PRO B 124 15.05 -2.07 12.40
CA PRO B 124 15.52 -2.87 11.27
C PRO B 124 15.84 -2.02 10.05
N HIS B 125 16.56 -2.64 9.12
CA HIS B 125 17.08 -1.92 7.96
C HIS B 125 15.99 -1.68 6.91
N SER B 126 15.30 -2.74 6.50
CA SER B 126 14.41 -2.68 5.35
C SER B 126 13.05 -2.09 5.73
N SER B 127 12.38 -1.49 4.73
CA SER B 127 11.14 -0.77 4.98
C SER B 127 10.01 -1.68 5.44
N GLU B 128 9.90 -2.88 4.86
CA GLU B 128 8.84 -3.80 5.25
C GLU B 128 8.91 -4.11 6.74
N LEU B 129 10.10 -4.49 7.22
CA LEU B 129 10.27 -4.74 8.65
C LEU B 129 10.04 -3.46 9.44
N ALA B 130 10.47 -2.32 8.91
CA ALA B 130 10.25 -1.07 9.62
C ALA B 130 8.79 -0.85 9.93
N MET B 131 7.91 -0.99 8.93
CA MET B 131 6.48 -0.80 9.17
C MET B 131 5.92 -1.90 10.07
N VAL B 132 6.27 -3.15 9.79
CA VAL B 132 5.71 -4.27 10.55
C VAL B 132 5.99 -4.10 12.03
N THR B 133 7.24 -3.81 12.39
CA THR B 133 7.58 -3.62 13.78
C THR B 133 7.16 -2.24 14.28
N GLY B 134 6.95 -1.28 13.37
CA GLY B 134 6.51 0.04 13.78
C GLY B 134 5.12 0.03 14.37
N LYS B 135 4.22 -0.76 13.77
CA LYS B 135 2.90 -0.91 14.38
C LYS B 135 3.04 -1.28 15.86
N PHE B 136 3.82 -2.33 16.13
CA PHE B 136 3.94 -2.84 17.49
C PHE B 136 4.62 -1.83 18.41
N PHE B 137 5.77 -1.30 18.00
CA PHE B 137 6.53 -0.42 18.87
C PHE B 137 5.82 0.90 19.11
N SER B 138 5.11 1.43 18.11
CA SER B 138 4.44 2.70 18.26
C SER B 138 3.11 2.56 19.00
N PHE B 139 2.50 1.37 18.99
CA PHE B 139 1.37 1.15 19.89
C PHE B 139 1.81 1.31 21.34
N PHE B 140 2.93 0.68 21.72
CA PHE B 140 3.45 0.80 23.06
C PHE B 140 4.16 2.12 23.33
N LEU B 141 4.35 2.95 22.32
CA LEU B 141 5.09 4.21 22.48
C LEU B 141 6.51 3.96 22.98
N MET B 142 7.22 3.07 22.28
CA MET B 142 8.64 2.83 22.55
C MET B 142 9.48 3.42 21.44
N PRO B 143 10.52 4.20 21.74
CA PRO B 143 11.33 4.79 20.67
C PRO B 143 11.94 3.73 19.75
N GLN B 144 11.77 3.94 18.45
CA GLN B 144 12.42 3.13 17.42
C GLN B 144 13.24 4.05 16.54
N VAL B 145 14.51 3.74 16.35
CA VAL B 145 15.41 4.58 15.56
C VAL B 145 16.07 3.70 14.51
N SER B 146 15.73 3.90 13.24
CA SER B 146 16.16 3.06 12.14
C SER B 146 17.33 3.70 11.40
N TYR B 147 18.33 2.88 11.07
CA TYR B 147 19.46 3.33 10.26
C TYR B 147 19.20 3.16 8.77
N GLY B 148 18.03 2.67 8.38
CA GLY B 148 17.63 2.54 6.99
C GLY B 148 16.21 3.02 6.81
N ALA B 149 15.43 2.25 6.06
CA ALA B 149 14.00 2.47 5.91
C ALA B 149 13.71 3.92 5.47
N SER B 150 14.06 4.20 4.21
CA SER B 150 13.78 5.51 3.63
C SER B 150 12.32 5.69 3.27
N MET B 151 11.49 4.64 3.38
CA MET B 151 10.10 4.70 2.98
C MET B 151 9.42 5.95 3.52
N GLU B 152 8.81 6.71 2.61
CA GLU B 152 8.19 7.99 3.00
C GLU B 152 6.95 7.77 3.85
N LEU B 153 6.25 6.64 3.70
CA LEU B 153 5.02 6.42 4.45
C LEU B 153 5.27 6.51 5.95
N LEU B 154 6.49 6.22 6.39
CA LEU B 154 6.81 6.24 7.82
C LEU B 154 6.80 7.64 8.42
N SER B 155 6.70 8.68 7.59
CA SER B 155 6.61 10.04 8.12
C SER B 155 5.29 10.29 8.84
N ALA B 156 4.26 9.48 8.59
CA ALA B 156 2.93 9.73 9.13
C ALA B 156 2.94 9.57 10.64
N ARG B 157 2.66 10.66 11.35
CA ARG B 157 2.53 10.60 12.81
C ARG B 157 1.16 10.13 13.25
N GLU B 158 0.17 10.10 12.35
CA GLU B 158 -1.11 9.52 12.69
C GLU B 158 -1.03 8.00 12.85
N THR B 159 0.01 7.37 12.31
CA THR B 159 0.14 5.92 12.34
C THR B 159 1.48 5.42 12.85
N PHE B 160 2.55 6.22 12.79
CA PHE B 160 3.87 5.84 13.30
C PHE B 160 4.38 6.94 14.23
N PRO B 161 3.77 7.10 15.40
CA PRO B 161 4.15 8.20 16.29
C PRO B 161 5.59 8.14 16.80
N SER B 162 6.17 6.96 16.99
CA SER B 162 7.43 6.82 17.70
C SER B 162 8.59 6.43 16.78
N PHE B 163 8.42 6.52 15.46
CA PHE B 163 9.47 6.13 14.53
C PHE B 163 10.41 7.29 14.23
N PHE B 164 11.71 7.00 14.20
CA PHE B 164 12.73 7.96 13.81
C PHE B 164 13.73 7.25 12.92
N ARG B 165 14.49 8.02 12.15
CA ARG B 165 15.51 7.45 11.30
C ARG B 165 16.67 8.42 11.14
N THR B 166 17.87 7.87 10.94
CA THR B 166 19.07 8.66 10.70
C THR B 166 19.47 8.63 9.23
N VAL B 167 18.50 8.49 8.33
CA VAL B 167 18.75 8.68 6.89
C VAL B 167 17.59 9.45 6.29
N PRO B 168 17.86 10.22 5.24
CA PRO B 168 16.80 10.97 4.58
C PRO B 168 15.77 10.03 3.97
N SER B 169 14.52 10.50 3.92
CA SER B 169 13.45 9.75 3.30
C SER B 169 13.44 10.00 1.79
N ASP B 170 12.59 9.23 1.09
CA ASP B 170 12.53 9.33 -0.37
C ASP B 170 12.22 10.73 -0.86
N ARG B 171 11.41 11.49 -0.11
CA ARG B 171 10.94 12.79 -0.60
C ARG B 171 12.10 13.76 -0.80
N VAL B 172 13.14 13.68 0.05
CA VAL B 172 14.28 14.57 -0.13
C VAL B 172 14.98 14.28 -1.46
N GLN B 173 15.21 13.00 -1.76
CA GLN B 173 15.87 12.64 -3.01
C GLN B 173 15.01 13.02 -4.21
N LEU B 174 13.70 12.81 -4.12
CA LEU B 174 12.84 13.09 -5.26
C LEU B 174 12.67 14.60 -5.48
N THR B 175 12.63 15.38 -4.40
CA THR B 175 12.64 16.83 -4.54
C THR B 175 13.97 17.31 -5.12
N ALA B 176 15.08 16.67 -4.75
CA ALA B 176 16.36 16.98 -5.39
C ALA B 176 16.33 16.67 -6.88
N ALA B 177 15.71 15.54 -7.26
CA ALA B 177 15.56 15.22 -8.68
C ALA B 177 14.72 16.25 -9.42
N ALA B 178 13.61 16.68 -8.80
CA ALA B 178 12.80 17.73 -9.39
C ALA B 178 13.58 19.02 -9.53
N GLU B 179 14.40 19.35 -8.53
CA GLU B 179 15.27 20.52 -8.61
C GLU B 179 16.26 20.38 -9.77
N LEU B 180 16.81 19.19 -9.96
CA LEU B 180 17.72 18.96 -11.09
C LEU B 180 17.00 19.22 -12.41
N LEU B 181 15.82 18.63 -12.59
CA LEU B 181 15.09 18.82 -13.83
C LEU B 181 14.75 20.28 -14.05
N GLN B 182 14.30 20.97 -13.00
CA GLN B 182 13.90 22.37 -13.11
C GLN B 182 15.09 23.26 -13.42
N GLU B 183 16.23 23.02 -12.76
CA GLU B 183 17.38 23.89 -12.92
C GLU B 183 18.06 23.67 -14.27
N PHE B 184 18.09 22.43 -14.76
CA PHE B 184 18.58 22.18 -16.11
C PHE B 184 17.57 22.53 -17.19
N GLY B 185 16.32 22.80 -16.83
CA GLY B 185 15.31 23.18 -17.80
C GLY B 185 14.63 22.05 -18.52
N TRP B 186 14.80 20.81 -18.07
CA TRP B 186 14.15 19.65 -18.68
C TRP B 186 12.73 19.52 -18.14
N ASN B 187 11.80 20.26 -18.77
CA ASN B 187 10.42 20.26 -18.29
C ASN B 187 9.58 19.10 -18.85
N TRP B 188 10.16 18.24 -19.67
CA TRP B 188 9.44 17.16 -20.34
C TRP B 188 10.21 15.86 -20.15
N VAL B 189 9.66 14.94 -19.35
CA VAL B 189 10.39 13.76 -18.91
C VAL B 189 9.44 12.57 -18.83
N ALA B 190 10.03 11.39 -18.66
CA ALA B 190 9.30 10.15 -18.39
C ALA B 190 9.82 9.57 -17.08
N ALA B 191 8.95 8.84 -16.37
CA ALA B 191 9.25 8.30 -15.06
C ALA B 191 8.98 6.81 -15.03
N LEU B 192 9.94 6.04 -14.51
CA LEU B 192 9.82 4.61 -14.33
C LEU B 192 10.15 4.22 -12.89
N GLY B 193 9.48 3.18 -12.39
CA GLY B 193 9.75 2.67 -11.06
C GLY B 193 9.66 1.16 -11.02
N SER B 194 10.24 0.58 -9.98
CA SER B 194 10.11 -0.85 -9.74
C SER B 194 8.76 -1.16 -9.12
N ASP B 195 8.16 -2.29 -9.50
CA ASP B 195 6.84 -2.68 -9.00
C ASP B 195 6.95 -3.32 -7.63
N ASP B 196 7.50 -2.55 -6.69
CA ASP B 196 7.49 -2.87 -5.27
C ASP B 196 7.05 -1.61 -4.53
N GLU B 197 6.74 -1.76 -3.24
CA GLU B 197 6.26 -0.60 -2.49
C GLU B 197 7.21 0.57 -2.60
N TYR B 198 8.52 0.31 -2.65
CA TYR B 198 9.49 1.38 -2.79
C TYR B 198 9.24 2.19 -4.05
N GLY B 199 9.38 1.57 -5.22
CA GLY B 199 9.21 2.29 -6.48
C GLY B 199 7.79 2.78 -6.68
N ARG B 200 6.81 2.00 -6.23
CA ARG B 200 5.41 2.36 -6.46
C ARG B 200 5.00 3.56 -5.63
N GLN B 201 5.60 3.72 -4.43
CA GLN B 201 5.40 4.95 -3.66
C GLN B 201 6.21 6.10 -4.24
N GLY B 202 7.43 5.81 -4.71
CA GLY B 202 8.27 6.84 -5.27
C GLY B 202 7.61 7.50 -6.48
N LEU B 203 6.97 6.71 -7.33
CA LEU B 203 6.29 7.27 -8.48
C LEU B 203 5.18 8.23 -8.07
N SER B 204 4.41 7.87 -7.05
CA SER B 204 3.37 8.78 -6.55
C SER B 204 3.98 10.09 -6.07
N ILE B 205 5.01 9.99 -5.22
CA ILE B 205 5.63 11.20 -4.68
C ILE B 205 6.14 12.07 -5.82
N PHE B 206 6.87 11.46 -6.76
CA PHE B 206 7.47 12.24 -7.82
C PHE B 206 6.43 12.84 -8.75
N SER B 207 5.33 12.12 -9.00
CA SER B 207 4.29 12.69 -9.87
C SER B 207 3.67 13.92 -9.23
N ALA B 208 3.35 13.85 -7.93
CA ALA B 208 2.78 15.02 -7.29
C ALA B 208 3.78 16.19 -7.29
N LEU B 209 5.05 15.89 -6.99
CA LEU B 209 6.06 16.95 -6.99
C LEU B 209 6.23 17.57 -8.37
N ALA B 210 6.25 16.73 -9.41
CA ALA B 210 6.41 17.22 -10.78
C ALA B 210 5.26 18.14 -11.16
N ALA B 211 4.03 17.74 -10.83
CA ALA B 211 2.89 18.62 -11.09
C ALA B 211 3.03 19.94 -10.35
N ALA B 212 3.47 19.89 -9.09
CA ALA B 212 3.55 21.11 -8.29
C ALA B 212 4.57 22.10 -8.86
N ARG B 213 5.66 21.62 -9.44
CA ARG B 213 6.72 22.47 -9.96
C ARG B 213 6.62 22.74 -11.45
N GLY B 214 5.54 22.31 -12.10
CA GLY B 214 5.38 22.53 -13.53
C GLY B 214 6.16 21.59 -14.40
N ILE B 215 6.83 20.58 -13.83
CA ILE B 215 7.47 19.56 -14.65
C ILE B 215 6.40 18.64 -15.20
N CYS B 216 6.49 18.33 -16.48
CA CYS B 216 5.48 17.55 -17.18
C CYS B 216 5.99 16.13 -17.40
N ILE B 217 5.17 15.15 -17.02
CA ILE B 217 5.52 13.74 -17.16
C ILE B 217 4.89 13.21 -18.43
N ALA B 218 5.74 12.77 -19.37
CA ALA B 218 5.24 12.23 -20.63
C ALA B 218 4.67 10.83 -20.47
N HIS B 219 5.22 10.03 -19.54
CA HIS B 219 4.87 8.62 -19.47
C HIS B 219 5.23 8.07 -18.10
N GLU B 220 4.37 7.19 -17.59
CA GLU B 220 4.57 6.52 -16.31
C GLU B 220 4.47 5.01 -16.50
N GLY B 221 5.25 4.27 -15.73
CA GLY B 221 5.20 2.82 -15.79
C GLY B 221 6.01 2.20 -14.67
N LEU B 222 5.75 0.91 -14.46
CA LEU B 222 6.47 0.12 -13.47
C LEU B 222 7.00 -1.14 -14.13
N VAL B 223 8.21 -1.53 -13.72
CA VAL B 223 8.87 -2.71 -14.29
C VAL B 223 8.90 -3.82 -13.25
N PRO B 224 8.72 -5.08 -13.65
CA PRO B 224 8.70 -6.18 -12.68
C PRO B 224 10.07 -6.44 -12.06
N LEU B 225 10.04 -7.17 -10.94
CA LEU B 225 11.21 -7.33 -10.08
C LEU B 225 12.20 -8.39 -10.57
N PRO B 226 11.77 -9.61 -10.89
CA PRO B 226 12.79 -10.61 -11.21
C PRO B 226 13.51 -10.33 -12.53
N LEU B 233 9.06 -10.94 -19.34
CA LEU B 233 9.69 -9.69 -19.74
C LEU B 233 8.79 -8.85 -20.64
N GLY B 234 7.53 -9.30 -20.81
CA GLY B 234 6.62 -8.57 -21.68
C GLY B 234 6.41 -7.13 -21.23
N LYS B 235 6.27 -6.91 -19.93
CA LYS B 235 6.08 -5.56 -19.44
C LYS B 235 7.33 -4.71 -19.60
N VAL B 236 8.52 -5.31 -19.48
CA VAL B 236 9.74 -4.56 -19.72
C VAL B 236 9.81 -4.10 -21.17
N GLN B 237 9.50 -5.00 -22.09
CA GLN B 237 9.44 -4.63 -23.51
C GLN B 237 8.42 -3.53 -23.74
N ASP B 238 7.24 -3.66 -23.15
CA ASP B 238 6.22 -2.63 -23.29
C ASP B 238 6.71 -1.28 -22.75
N VAL B 239 7.34 -1.29 -21.58
CA VAL B 239 7.77 -0.05 -20.94
C VAL B 239 8.81 0.66 -21.80
N LEU B 240 9.85 -0.07 -22.22
CA LEU B 240 10.88 0.57 -23.02
C LEU B 240 10.35 0.99 -24.38
N HIS B 241 9.42 0.21 -24.95
CA HIS B 241 8.80 0.58 -26.21
C HIS B 241 8.04 1.89 -26.07
N GLN B 242 7.22 2.01 -25.03
CA GLN B 242 6.48 3.25 -24.81
C GLN B 242 7.41 4.42 -24.55
N VAL B 243 8.49 4.19 -23.80
CA VAL B 243 9.46 5.25 -23.55
C VAL B 243 10.03 5.76 -24.87
N ASN B 244 10.40 4.83 -25.77
CA ASN B 244 10.91 5.24 -27.07
C ASN B 244 9.85 5.97 -27.87
N GLN B 245 8.59 5.52 -27.78
CA GLN B 245 7.51 6.18 -28.49
C GLN B 245 7.23 7.58 -27.97
N SER B 246 7.52 7.83 -26.69
CA SER B 246 7.12 9.08 -26.05
C SER B 246 7.90 10.29 -26.55
N SER B 247 9.01 10.09 -27.26
CA SER B 247 9.86 11.20 -27.70
C SER B 247 10.37 12.00 -26.50
N VAL B 248 11.13 11.31 -25.65
CA VAL B 248 11.69 11.88 -24.44
C VAL B 248 13.18 11.58 -24.37
N GLN B 249 13.96 12.54 -23.90
CA GLN B 249 15.40 12.40 -23.74
C GLN B 249 15.83 12.22 -22.29
N VAL B 250 14.95 12.47 -21.33
CA VAL B 250 15.26 12.35 -19.91
C VAL B 250 14.27 11.37 -19.27
N VAL B 251 14.79 10.35 -18.60
CA VAL B 251 13.99 9.33 -17.94
C VAL B 251 14.47 9.19 -16.51
N LEU B 252 13.53 9.28 -15.57
CA LEU B 252 13.81 8.96 -14.18
C LEU B 252 13.59 7.47 -13.95
N LEU B 253 14.52 6.81 -13.27
CA LEU B 253 14.41 5.38 -12.99
C LEU B 253 14.55 5.18 -11.47
N PHE B 254 13.43 5.22 -10.77
CA PHE B 254 13.39 5.06 -9.32
C PHE B 254 13.06 3.59 -8.99
N ALA B 255 14.07 2.74 -9.19
CA ALA B 255 13.88 1.29 -9.19
C ALA B 255 14.86 0.60 -8.26
N SER B 256 14.41 -0.50 -7.67
CA SER B 256 15.30 -1.35 -6.87
C SER B 256 16.35 -1.99 -7.77
N VAL B 257 17.39 -2.54 -7.13
CA VAL B 257 18.58 -2.97 -7.86
C VAL B 257 18.22 -4.06 -8.87
N HIS B 258 17.45 -5.07 -8.47
CA HIS B 258 17.14 -6.18 -9.38
C HIS B 258 16.28 -5.73 -10.54
N ALA B 259 15.31 -4.84 -10.29
CA ALA B 259 14.49 -4.32 -11.37
C ALA B 259 15.32 -3.50 -12.35
N ALA B 260 16.24 -2.68 -11.83
CA ALA B 260 17.15 -1.95 -12.70
C ALA B 260 18.00 -2.89 -13.52
N HIS B 261 18.50 -3.96 -12.90
CA HIS B 261 19.29 -4.94 -13.63
C HIS B 261 18.47 -5.60 -14.73
N ALA B 262 17.20 -5.91 -14.47
CA ALA B 262 16.34 -6.48 -15.51
C ALA B 262 16.16 -5.51 -16.66
N LEU B 263 15.81 -4.26 -16.36
CA LEU B 263 15.60 -3.28 -17.41
C LEU B 263 16.86 -3.06 -18.22
N PHE B 264 18.02 -3.00 -17.57
CA PHE B 264 19.26 -2.75 -18.30
C PHE B 264 19.80 -4.00 -18.96
N ASN B 265 19.40 -5.21 -18.52
CA ASN B 265 19.66 -6.39 -19.32
C ASN B 265 18.87 -6.34 -20.62
N TYR B 266 17.62 -5.88 -20.55
CA TYR B 266 16.85 -5.68 -21.77
C TYR B 266 17.50 -4.62 -22.65
N SER B 267 17.99 -3.54 -22.04
CA SER B 267 18.70 -2.50 -22.80
C SER B 267 19.98 -3.07 -23.43
N ILE B 268 20.69 -3.93 -22.70
CA ILE B 268 21.84 -4.62 -23.25
C ILE B 268 21.45 -5.44 -24.46
N SER B 269 20.27 -6.07 -24.41
CA SER B 269 19.81 -6.88 -25.54
C SER B 269 19.70 -6.01 -26.79
N SER B 270 19.21 -4.78 -26.63
CA SER B 270 19.17 -3.82 -27.74
C SER B 270 19.06 -2.43 -27.16
N ARG B 271 20.06 -1.60 -27.42
CA ARG B 271 20.04 -0.20 -26.98
C ARG B 271 19.28 0.63 -28.00
N LEU B 272 17.95 0.62 -27.84
CA LEU B 272 17.07 1.21 -28.84
C LEU B 272 17.39 2.68 -29.07
N SER B 273 17.62 3.44 -28.00
CA SER B 273 18.05 4.83 -28.14
C SER B 273 18.67 5.29 -26.83
N PRO B 274 19.68 6.15 -26.87
CA PRO B 274 20.30 6.64 -25.62
C PRO B 274 19.49 7.78 -25.01
N LYS B 275 19.52 7.86 -23.68
CA LYS B 275 18.78 8.88 -22.95
C LYS B 275 19.48 9.18 -21.63
N VAL B 276 19.20 10.36 -21.08
CA VAL B 276 19.73 10.73 -19.77
C VAL B 276 18.91 10.02 -18.70
N TRP B 277 19.57 9.21 -17.89
CA TRP B 277 18.91 8.44 -16.83
C TRP B 277 19.20 9.12 -15.48
N VAL B 278 18.15 9.50 -14.77
CA VAL B 278 18.27 9.95 -13.40
C VAL B 278 18.09 8.73 -12.51
N ALA B 279 19.17 8.30 -11.86
CA ALA B 279 19.20 7.08 -11.07
C ALA B 279 18.65 7.31 -9.66
N SER B 280 18.74 6.27 -8.85
CA SER B 280 18.44 6.32 -7.43
C SER B 280 19.58 5.64 -6.68
N GLU B 281 19.68 5.95 -5.38
CA GLU B 281 20.80 5.48 -4.58
C GLU B 281 21.07 3.99 -4.80
N ALA B 282 20.03 3.17 -4.73
CA ALA B 282 20.22 1.72 -4.75
C ALA B 282 20.88 1.28 -6.06
N TRP B 283 20.28 1.66 -7.19
CA TRP B 283 20.92 1.38 -8.48
C TRP B 283 22.26 2.09 -8.58
N LEU B 284 22.32 3.35 -8.16
CA LEU B 284 23.51 4.16 -8.37
C LEU B 284 24.74 3.63 -7.62
N THR B 285 24.57 2.72 -6.65
CA THR B 285 25.69 2.23 -5.87
C THR B 285 25.88 0.72 -5.88
N SER B 286 25.11 -0.04 -6.66
CA SER B 286 25.08 -1.50 -6.58
C SER B 286 25.92 -2.12 -7.70
N ASP B 287 26.78 -3.07 -7.33
CA ASP B 287 27.79 -3.59 -8.26
C ASP B 287 27.16 -4.30 -9.45
N LEU B 288 26.21 -5.21 -9.20
CA LEU B 288 25.78 -6.13 -10.26
C LEU B 288 25.23 -5.36 -11.47
N VAL B 289 24.70 -4.17 -11.26
CA VAL B 289 24.28 -3.33 -12.40
C VAL B 289 25.47 -2.56 -12.94
N MET B 290 26.32 -2.02 -12.06
CA MET B 290 27.47 -1.24 -12.52
C MET B 290 28.42 -2.07 -13.37
N GLY B 291 28.36 -3.40 -13.24
CA GLY B 291 29.25 -4.27 -14.01
C GLY B 291 28.82 -4.54 -15.43
N LEU B 292 27.63 -4.13 -15.82
CA LEU B 292 27.16 -4.43 -17.16
C LEU B 292 28.02 -3.70 -18.19
N PRO B 293 28.31 -4.32 -19.33
CA PRO B 293 29.31 -3.78 -20.25
C PRO B 293 28.82 -2.59 -21.06
N GLY B 294 29.76 -1.71 -21.40
CA GLY B 294 29.49 -0.69 -22.39
C GLY B 294 28.36 0.25 -22.05
N MET B 295 28.05 0.44 -20.77
CA MET B 295 26.90 1.24 -20.37
C MET B 295 27.02 2.71 -20.74
N ALA B 296 28.21 3.18 -21.11
CA ALA B 296 28.33 4.56 -21.60
C ALA B 296 27.41 4.80 -22.77
N GLN B 297 27.11 3.76 -23.56
CA GLN B 297 26.23 3.88 -24.71
C GLN B 297 24.78 4.18 -24.32
N MET B 298 24.41 4.02 -23.05
CA MET B 298 23.04 4.30 -22.63
C MET B 298 22.74 5.79 -22.55
N GLY B 299 23.76 6.63 -22.51
CA GLY B 299 23.61 8.00 -22.11
C GLY B 299 24.00 8.22 -20.65
N THR B 300 24.22 9.49 -20.32
CA THR B 300 24.76 9.82 -19.01
C THR B 300 23.81 9.42 -17.89
N VAL B 301 24.38 9.00 -16.75
CA VAL B 301 23.63 8.60 -15.57
C VAL B 301 23.95 9.57 -14.45
N LEU B 302 22.90 10.14 -13.84
CA LEU B 302 23.01 11.12 -12.77
C LEU B 302 22.26 10.61 -11.54
N GLY B 303 22.66 11.08 -10.37
CA GLY B 303 21.83 10.82 -9.20
C GLY B 303 22.41 11.43 -7.93
N PHE B 304 21.56 11.54 -6.91
CA PHE B 304 21.93 12.16 -5.65
C PHE B 304 22.24 11.10 -4.61
N LEU B 305 23.35 11.25 -3.90
CA LEU B 305 23.72 10.41 -2.77
C LEU B 305 23.94 11.28 -1.54
N GLN B 306 23.40 10.88 -0.40
CA GLN B 306 23.60 11.65 0.82
C GLN B 306 25.01 11.45 1.34
N ARG B 307 25.60 12.51 1.89
CA ARG B 307 26.97 12.51 2.37
C ARG B 307 27.01 12.65 3.88
N GLY B 308 27.72 11.73 4.54
CA GLY B 308 28.03 11.86 5.94
C GLY B 308 29.45 11.41 6.22
N ALA B 309 29.93 11.74 7.41
CA ALA B 309 31.30 11.40 7.79
C ALA B 309 31.49 9.90 7.86
N GLN B 310 32.72 9.47 7.63
CA GLN B 310 33.09 8.08 7.83
C GLN B 310 33.34 7.82 9.31
N LEU B 311 33.30 6.54 9.67
CA LEU B 311 33.77 6.09 10.98
C LEU B 311 35.24 5.72 10.80
N HIS B 312 36.12 6.71 11.00
CA HIS B 312 37.53 6.54 10.63
C HIS B 312 38.17 5.39 11.38
N GLU B 313 37.87 5.26 12.67
CA GLU B 313 38.50 4.23 13.49
C GLU B 313 37.87 2.85 13.32
N PHE B 314 36.76 2.74 12.60
CA PHE B 314 36.03 1.48 12.53
C PHE B 314 36.85 0.32 11.97
N PRO B 315 37.59 0.46 10.86
CA PRO B 315 38.35 -0.70 10.37
C PRO B 315 39.35 -1.23 11.38
N GLN B 316 40.03 -0.33 12.09
CA GLN B 316 40.94 -0.76 13.14
C GLN B 316 40.19 -1.43 14.28
N TYR B 317 38.98 -0.95 14.58
CA TYR B 317 38.16 -1.57 15.61
C TYR B 317 37.83 -3.01 15.25
N VAL B 318 37.41 -3.24 14.00
CA VAL B 318 37.08 -4.60 13.57
C VAL B 318 38.32 -5.48 13.57
N LYS B 319 39.44 -4.97 13.06
CA LYS B 319 40.68 -5.72 13.12
C LYS B 319 41.00 -6.13 14.56
N THR B 320 40.93 -5.16 15.47
CA THR B 320 41.26 -5.43 16.87
C THR B 320 40.36 -6.51 17.44
N HIS B 321 39.05 -6.40 17.21
CA HIS B 321 38.13 -7.31 17.87
C HIS B 321 38.16 -8.71 17.25
N LEU B 322 38.29 -8.81 15.93
CA LEU B 322 38.44 -10.12 15.32
C LEU B 322 39.77 -10.75 15.68
N ALA B 323 40.77 -9.95 16.03
CA ALA B 323 41.99 -10.51 16.63
C ALA B 323 41.73 -10.99 18.06
N LEU B 324 40.98 -10.21 18.83
CA LEU B 324 40.74 -10.53 20.24
C LEU B 324 39.76 -11.68 20.43
N ALA B 325 38.88 -11.92 19.46
CA ALA B 325 37.74 -12.79 19.67
C ALA B 325 38.10 -14.28 19.65
N THR B 326 39.39 -14.59 19.69
CA THR B 326 39.84 -15.98 19.74
C THR B 326 40.86 -16.23 20.84
N ASP B 327 41.12 -15.27 21.72
CA ASP B 327 42.05 -15.49 22.82
C ASP B 327 41.45 -16.50 23.79
N PRO B 328 42.20 -17.53 24.19
CA PRO B 328 41.59 -18.60 25.00
C PRO B 328 41.12 -18.13 26.37
N ALA B 329 41.67 -17.05 26.91
CA ALA B 329 41.19 -16.51 28.17
C ALA B 329 40.04 -15.53 27.96
N PHE B 330 40.12 -14.71 26.91
CA PHE B 330 39.07 -13.73 26.64
C PHE B 330 37.75 -14.41 26.30
N CYS B 331 37.78 -15.61 25.75
CA CYS B 331 36.56 -16.32 25.42
C CYS B 331 35.73 -16.69 26.65
N SER B 332 36.32 -16.66 27.84
CA SER B 332 35.58 -17.00 29.05
C SER B 332 34.60 -15.91 29.46
N ALA B 333 34.76 -14.69 28.94
CA ALA B 333 33.87 -13.58 29.28
C ALA B 333 32.44 -13.86 28.82
N GLN B 348 23.77 -18.79 20.88
CA GLN B 348 23.99 -18.97 19.45
C GLN B 348 22.91 -18.30 18.63
N ARG B 349 22.47 -17.10 19.04
CA ARG B 349 21.43 -16.41 18.31
C ARG B 349 21.83 -16.12 16.88
N CYS B 350 23.14 -16.07 16.58
CA CYS B 350 23.63 -16.09 15.21
C CYS B 350 24.45 -17.34 14.98
N PRO B 351 24.03 -18.26 14.13
CA PRO B 351 24.93 -19.33 13.71
C PRO B 351 25.90 -18.85 12.63
N GLN B 352 27.08 -19.48 12.62
CA GLN B 352 28.09 -19.23 11.61
C GLN B 352 28.78 -17.88 11.81
N CYS B 353 28.29 -17.08 12.77
CA CYS B 353 29.02 -15.86 13.15
C CYS B 353 30.40 -16.18 13.71
N ASP B 354 30.53 -17.31 14.40
CA ASP B 354 31.76 -17.69 15.07
C ASP B 354 32.82 -18.25 14.14
N CYS B 355 32.46 -18.54 12.89
CA CYS B 355 33.39 -19.12 11.92
C CYS B 355 34.01 -18.08 10.99
N ILE B 356 33.62 -16.81 11.10
CA ILE B 356 34.01 -15.81 10.11
C ILE B 356 35.47 -15.43 10.28
N THR B 357 36.09 -15.04 9.17
CA THR B 357 37.45 -14.51 9.15
C THR B 357 37.44 -13.16 8.46
N LEU B 358 38.44 -12.34 8.80
CA LEU B 358 38.45 -10.95 8.36
C LEU B 358 38.44 -10.81 6.85
N GLN B 359 38.94 -11.81 6.12
CA GLN B 359 38.99 -11.69 4.66
C GLN B 359 37.60 -11.58 4.06
N ASN B 360 36.63 -12.31 4.63
CA ASN B 360 35.25 -12.22 4.16
C ASN B 360 34.55 -10.96 4.64
N VAL B 361 35.10 -10.28 5.64
CA VAL B 361 34.49 -9.04 6.16
C VAL B 361 35.08 -7.79 5.51
N SER B 362 36.31 -7.87 4.98
CA SER B 362 37.07 -6.67 4.65
C SER B 362 36.31 -5.76 3.69
N ALA B 363 35.59 -6.33 2.73
CA ALA B 363 35.01 -5.51 1.65
C ALA B 363 34.05 -4.46 2.18
N GLY B 364 33.43 -4.68 3.34
CA GLY B 364 32.43 -3.78 3.88
C GLY B 364 32.90 -2.81 4.95
N LEU B 365 34.19 -2.81 5.30
CA LEU B 365 34.66 -1.95 6.38
C LEU B 365 34.46 -0.47 6.08
N ASN B 366 34.37 -0.10 4.81
CA ASN B 366 34.19 1.29 4.40
C ASN B 366 32.73 1.64 4.15
N HIS B 367 31.80 0.78 4.52
CA HIS B 367 30.40 0.98 4.15
C HIS B 367 29.87 2.29 4.73
N HIS B 368 29.18 3.07 3.90
CA HIS B 368 28.73 4.40 4.30
C HIS B 368 27.64 4.35 5.36
N GLN B 369 26.80 3.32 5.37
CA GLN B 369 25.65 3.28 6.25
C GLN B 369 26.02 3.03 7.71
N THR B 370 27.25 2.60 7.99
CA THR B 370 27.66 2.38 9.37
C THR B 370 27.47 3.64 10.19
N PHE B 371 27.78 4.79 9.62
CA PHE B 371 27.60 6.06 10.32
C PHE B 371 26.16 6.19 10.82
N SER B 372 25.19 5.84 9.97
CA SER B 372 23.79 5.97 10.37
C SER B 372 23.49 5.11 11.59
N VAL B 373 24.10 3.94 11.71
CA VAL B 373 23.98 3.17 12.94
C VAL B 373 24.57 3.96 14.09
N TYR B 374 25.82 4.38 13.93
CA TYR B 374 26.52 5.10 15.00
C TYR B 374 25.69 6.29 15.46
N ALA B 375 25.30 7.15 14.52
CA ALA B 375 24.50 8.31 14.88
C ALA B 375 23.28 7.90 15.69
N ALA B 376 22.55 6.89 15.24
CA ALA B 376 21.33 6.49 15.94
C ALA B 376 21.64 6.26 17.41
N VAL B 377 22.66 5.44 17.70
CA VAL B 377 22.96 5.14 19.09
C VAL B 377 23.21 6.42 19.85
N TYR B 378 24.08 7.28 19.31
CA TYR B 378 24.40 8.52 19.99
C TYR B 378 23.14 9.32 20.26
N SER B 379 22.27 9.42 19.26
CA SER B 379 21.05 10.20 19.46
C SER B 379 20.29 9.66 20.66
N VAL B 380 20.07 8.35 20.71
CA VAL B 380 19.35 7.78 21.83
C VAL B 380 20.07 8.11 23.13
N ALA B 381 21.38 7.91 23.15
CA ALA B 381 22.14 8.23 24.35
C ALA B 381 21.92 9.69 24.74
N GLN B 382 22.06 10.60 23.77
CA GLN B 382 21.85 12.00 24.08
C GLN B 382 20.45 12.22 24.64
N ALA B 383 19.46 11.60 24.00
CA ALA B 383 18.08 11.79 24.45
C ALA B 383 17.92 11.31 25.88
N LEU B 384 18.56 10.20 26.24
CA LEU B 384 18.52 9.74 27.62
C LEU B 384 19.21 10.74 28.53
N HIS B 385 20.36 11.26 28.11
CA HIS B 385 21.11 12.19 28.97
C HIS B 385 20.27 13.42 29.28
N ASN B 386 19.56 13.95 28.29
CA ASN B 386 18.63 15.04 28.53
C ASN B 386 17.48 14.61 29.45
N THR B 387 16.95 13.40 29.24
CA THR B 387 15.80 12.97 30.02
C THR B 387 16.16 12.80 31.48
N LEU B 388 17.36 12.30 31.77
CA LEU B 388 17.82 12.19 33.15
C LEU B 388 18.26 13.53 33.72
N GLN B 389 18.44 14.55 32.89
CA GLN B 389 18.88 15.86 33.34
C GLN B 389 20.21 15.74 34.09
N CYS B 390 21.11 14.91 33.56
CA CYS B 390 22.36 14.61 34.24
C CYS B 390 23.26 15.84 34.31
N ASN B 391 23.70 16.17 35.52
CA ASN B 391 24.84 17.08 35.64
C ASN B 391 26.09 16.36 35.14
N ALA B 392 26.97 17.11 34.49
CA ALA B 392 28.12 16.49 33.85
C ALA B 392 28.98 15.71 34.83
N SER B 393 28.97 16.07 36.11
CA SER B 393 29.73 15.32 37.11
C SER B 393 28.99 14.07 37.60
N GLY B 394 27.69 13.95 37.34
CA GLY B 394 26.94 12.79 37.78
C GLY B 394 25.44 12.99 37.69
N CYS B 395 24.72 11.94 37.28
CA CYS B 395 23.29 12.02 37.12
C CYS B 395 22.58 12.08 38.48
N PRO B 396 21.39 12.70 38.54
CA PRO B 396 20.62 12.69 39.78
C PRO B 396 19.93 11.35 40.00
N ALA B 397 19.57 11.11 41.26
CA ALA B 397 18.89 9.87 41.62
C ALA B 397 17.43 9.93 41.18
N GLN B 398 16.98 8.89 40.47
CA GLN B 398 15.61 8.82 40.00
C GLN B 398 15.19 7.36 39.86
N ASP B 399 13.88 7.14 39.83
CA ASP B 399 13.34 5.86 39.43
C ASP B 399 13.58 5.67 37.93
N PRO B 400 13.57 4.43 37.45
CA PRO B 400 13.96 4.17 36.05
C PRO B 400 13.16 5.00 35.07
N VAL B 401 13.85 5.51 34.05
CA VAL B 401 13.20 6.26 32.98
C VAL B 401 12.43 5.29 32.10
N LYS B 402 11.13 5.54 31.92
CA LYS B 402 10.33 4.71 31.03
C LYS B 402 10.43 5.21 29.60
N PRO B 403 10.19 4.32 28.62
CA PRO B 403 10.30 4.75 27.20
C PRO B 403 9.45 5.96 26.85
N TRP B 404 8.24 6.05 27.38
CA TRP B 404 7.34 7.14 26.96
C TRP B 404 7.82 8.48 27.51
N GLN B 405 8.60 8.48 28.59
CA GLN B 405 9.25 9.71 29.03
C GLN B 405 10.31 10.14 28.03
N LEU B 406 11.14 9.20 27.60
CA LEU B 406 12.21 9.51 26.64
C LEU B 406 11.63 10.01 25.33
N LEU B 407 10.54 9.40 24.87
CA LEU B 407 9.93 9.78 23.61
C LEU B 407 9.54 11.25 23.59
N GLU B 408 9.01 11.76 24.70
CA GLU B 408 8.57 13.15 24.74
C GLU B 408 9.74 14.10 24.51
N ASN B 409 10.89 13.81 25.11
CA ASN B 409 12.06 14.67 24.91
C ASN B 409 12.66 14.50 23.54
N MET B 410 12.54 13.31 22.93
CA MET B 410 13.32 13.02 21.73
C MET B 410 12.86 13.79 20.49
N TYR B 411 11.65 14.38 20.50
CA TYR B 411 11.13 15.00 19.28
C TYR B 411 11.86 16.28 18.89
N ASN B 412 12.60 16.90 19.80
CA ASN B 412 13.21 18.21 19.60
C ASN B 412 14.67 18.17 20.01
N LEU B 413 15.40 17.21 19.45
CA LEU B 413 16.67 16.77 19.99
C LEU B 413 17.81 17.11 19.02
N THR B 414 18.80 17.84 19.52
CA THR B 414 20.03 18.12 18.79
C THR B 414 21.16 17.31 19.41
N PHE B 415 21.93 16.61 18.58
CA PHE B 415 22.99 15.73 19.05
C PHE B 415 24.18 15.79 18.10
N HIS B 416 25.38 15.83 18.68
CA HIS B 416 26.60 15.72 17.90
C HIS B 416 26.89 14.26 17.55
N VAL B 417 27.52 14.06 16.39
CA VAL B 417 28.03 12.74 16.05
C VAL B 417 29.50 12.89 15.64
N GLY B 418 30.39 12.93 16.62
CA GLY B 418 31.81 13.17 16.37
C GLY B 418 32.05 14.62 15.97
N GLY B 419 31.12 15.16 15.22
CA GLY B 419 31.06 16.57 14.87
C GLY B 419 29.69 16.73 14.27
N LEU B 420 29.59 17.59 13.25
CA LEU B 420 28.42 17.71 12.38
C LEU B 420 27.12 17.49 13.15
N PRO B 421 26.74 18.39 14.05
CA PRO B 421 25.55 18.17 14.88
C PRO B 421 24.29 18.01 14.04
N LEU B 422 23.55 16.94 14.30
CA LEU B 422 22.28 16.68 13.63
C LEU B 422 21.11 17.10 14.51
N ARG B 423 19.91 16.99 13.95
CA ARG B 423 18.70 17.42 14.65
C ARG B 423 17.49 16.64 14.16
N PHE B 424 16.77 16.02 15.08
CA PHE B 424 15.45 15.50 14.81
C PHE B 424 14.42 16.62 14.81
N ASP B 425 13.36 16.45 14.01
CA ASP B 425 12.22 17.35 14.08
C ASP B 425 10.92 16.56 14.14
N SER B 426 9.78 17.26 14.04
CA SER B 426 8.49 16.63 14.23
C SER B 426 8.25 15.48 13.25
N SER B 427 8.84 15.54 12.05
CA SER B 427 8.64 14.49 11.07
C SER B 427 9.44 13.23 11.38
N GLY B 428 10.39 13.29 12.31
CA GLY B 428 11.24 12.17 12.64
C GLY B 428 12.43 11.99 11.73
N ASN B 429 12.60 12.84 10.73
CA ASN B 429 13.77 12.79 9.85
C ASN B 429 14.88 13.68 10.39
N VAL B 430 16.02 13.66 9.72
CA VAL B 430 17.17 14.48 10.07
C VAL B 430 17.50 15.38 8.89
N ASP B 431 17.95 16.60 9.18
CA ASP B 431 18.37 17.53 8.14
C ASP B 431 19.74 17.10 7.63
N MET B 432 19.80 16.69 6.36
CA MET B 432 21.01 16.13 5.79
C MET B 432 21.07 16.51 4.32
N GLU B 433 22.29 16.59 3.78
CA GLU B 433 22.53 17.16 2.46
C GLU B 433 23.02 16.10 1.48
N TYR B 434 22.84 16.38 0.19
CA TYR B 434 23.06 15.43 -0.89
C TYR B 434 24.13 15.95 -1.86
N ASP B 435 24.86 15.01 -2.47
CA ASP B 435 25.84 15.29 -3.50
C ASP B 435 25.32 14.73 -4.82
N LEU B 436 25.47 15.52 -5.90
CA LEU B 436 25.09 15.09 -7.24
C LEU B 436 26.26 14.34 -7.86
N LYS B 437 26.06 13.04 -8.12
CA LYS B 437 27.08 12.16 -8.68
C LYS B 437 26.78 11.91 -10.14
N LEU B 438 27.84 11.96 -10.96
CA LEU B 438 27.80 11.68 -12.38
C LEU B 438 28.73 10.52 -12.68
N TRP B 439 28.26 9.57 -13.49
CA TRP B 439 29.11 8.47 -13.96
C TRP B 439 29.92 8.95 -15.15
N VAL B 440 31.09 9.54 -14.88
CA VAL B 440 32.01 9.93 -15.94
C VAL B 440 32.69 8.66 -16.44
N TRP B 441 32.30 8.18 -17.60
CA TRP B 441 32.80 6.91 -18.10
C TRP B 441 34.22 7.03 -18.63
N GLN B 442 35.13 6.20 -18.12
CA GLN B 442 36.49 6.08 -18.64
C GLN B 442 36.77 4.60 -18.77
N GLY B 443 37.12 4.17 -19.99
CA GLY B 443 37.26 2.75 -20.21
C GLY B 443 35.95 2.05 -19.91
N SER B 444 36.06 0.85 -19.35
CA SER B 444 34.91 0.10 -18.90
C SER B 444 34.44 0.50 -17.50
N VAL B 445 35.01 1.55 -16.91
CA VAL B 445 34.77 1.89 -15.52
C VAL B 445 34.07 3.25 -15.44
N PRO B 446 32.93 3.36 -14.75
CA PRO B 446 32.34 4.68 -14.46
C PRO B 446 33.00 5.29 -13.24
N ARG B 447 33.56 6.49 -13.39
CA ARG B 447 34.17 7.23 -12.30
C ARG B 447 33.10 8.12 -11.68
N LEU B 448 32.85 7.94 -10.39
CA LEU B 448 31.86 8.75 -9.67
C LEU B 448 32.41 10.16 -9.45
N HIS B 449 31.84 11.14 -10.14
CA HIS B 449 32.31 12.51 -10.10
C HIS B 449 31.26 13.42 -9.45
N ASP B 450 31.70 14.21 -8.46
CA ASP B 450 30.83 15.18 -7.82
C ASP B 450 30.68 16.40 -8.72
N VAL B 451 29.43 16.87 -8.89
CA VAL B 451 29.18 18.04 -9.72
C VAL B 451 28.17 18.99 -9.07
N GLY B 452 27.91 18.82 -7.79
CA GLY B 452 27.05 19.76 -7.11
C GLY B 452 26.55 19.25 -5.78
N ARG B 453 25.90 20.15 -5.06
CA ARG B 453 25.35 19.89 -3.74
C ARG B 453 23.89 20.32 -3.67
N PHE B 454 23.15 19.68 -2.77
CA PHE B 454 21.78 20.06 -2.48
C PHE B 454 21.55 20.01 -0.97
N ASN B 455 20.94 21.07 -0.43
CA ASN B 455 20.61 21.14 0.99
C ASN B 455 19.25 21.78 1.21
N GLY B 456 18.33 21.64 0.25
CA GLY B 456 17.13 22.44 0.17
C GLY B 456 17.18 23.47 -0.94
N SER B 457 18.36 23.77 -1.44
CA SER B 457 18.56 24.49 -2.69
C SER B 457 19.76 23.89 -3.37
N LEU B 458 19.76 23.93 -4.70
CA LEU B 458 20.70 23.17 -5.51
C LEU B 458 21.79 24.08 -6.05
N ARG B 459 23.04 23.70 -5.83
CA ARG B 459 24.20 24.40 -6.36
C ARG B 459 24.91 23.46 -7.31
N THR B 460 24.92 23.82 -8.59
CA THR B 460 25.40 22.96 -9.67
C THR B 460 26.66 23.55 -10.27
N GLU B 461 27.67 22.70 -10.45
CA GLU B 461 28.91 23.09 -11.13
C GLU B 461 28.88 22.59 -12.58
N ARG B 462 28.02 23.25 -13.35
CA ARG B 462 27.55 22.72 -14.62
C ARG B 462 28.68 22.51 -15.63
N LEU B 463 29.71 23.36 -15.62
CA LEU B 463 30.76 23.27 -16.63
C LEU B 463 31.52 21.95 -16.55
N LYS B 464 31.42 21.22 -15.45
CA LYS B 464 32.24 20.03 -15.26
C LYS B 464 31.64 18.78 -15.90
N ILE B 465 30.32 18.73 -16.08
CA ILE B 465 29.68 17.56 -16.63
C ILE B 465 29.85 17.53 -18.15
N ARG B 466 30.29 16.39 -18.67
CA ARG B 466 30.40 16.15 -20.10
C ARG B 466 29.29 15.18 -20.52
N TRP B 467 28.50 15.58 -21.51
CA TRP B 467 27.33 14.81 -21.92
C TRP B 467 27.72 13.66 -22.84
N HIS B 468 26.76 12.77 -23.07
CA HIS B 468 26.95 11.68 -24.02
C HIS B 468 26.84 12.16 -25.46
N THR B 469 26.03 13.20 -25.71
CA THR B 469 25.90 13.74 -27.06
C THR B 469 27.23 14.35 -27.50
N SER B 470 27.60 14.07 -28.76
CA SER B 470 28.97 14.35 -29.22
C SER B 470 29.36 15.81 -29.01
N ASP B 471 28.46 16.74 -29.32
CA ASP B 471 28.80 18.16 -29.26
C ASP B 471 28.91 18.69 -27.83
N ASN B 472 28.55 17.89 -26.82
CA ASN B 472 28.70 18.24 -25.41
C ASN B 472 27.88 19.47 -25.03
N GLN B 473 26.93 19.87 -25.87
CA GLN B 473 25.91 20.81 -25.45
C GLN B 473 24.81 20.08 -24.69
N LYS B 474 24.05 20.83 -23.92
CA LYS B 474 23.01 20.23 -23.10
C LYS B 474 21.98 19.53 -23.97
N PRO B 475 21.72 18.23 -23.78
CA PRO B 475 20.64 17.58 -24.52
C PRO B 475 19.29 18.16 -24.10
N VAL B 476 18.35 18.18 -25.04
CA VAL B 476 17.11 18.94 -24.91
C VAL B 476 15.95 17.98 -24.72
N SER B 477 15.14 18.22 -23.67
CA SER B 477 13.88 17.51 -23.43
C SER B 477 12.89 18.53 -22.86
N ARG B 478 12.07 19.10 -23.73
CA ARG B 478 11.16 20.15 -23.30
C ARG B 478 9.91 20.17 -24.18
N CYS B 479 8.89 20.86 -23.68
CA CYS B 479 7.65 21.11 -24.40
C CYS B 479 7.20 22.53 -24.13
N SER B 480 6.32 23.04 -24.98
CA SER B 480 5.74 24.36 -24.80
C SER B 480 4.41 24.28 -24.07
N ARG B 481 4.10 25.35 -23.32
CA ARG B 481 2.77 25.54 -22.74
C ARG B 481 2.20 26.90 -23.14
N GLN B 482 2.74 27.50 -24.19
CA GLN B 482 2.27 28.79 -24.68
C GLN B 482 2.44 28.82 -26.20
N CYS B 483 1.60 29.62 -26.85
CA CYS B 483 1.61 29.68 -28.30
C CYS B 483 0.97 30.92 -28.85
N GLN B 484 1.52 31.49 -29.91
CA GLN B 484 0.78 32.57 -30.56
C GLN B 484 -0.66 32.12 -30.76
N GLU B 485 -1.60 33.05 -30.58
CA GLU B 485 -3.00 32.66 -30.47
C GLU B 485 -3.49 31.94 -31.72
N GLY B 486 -2.82 32.12 -32.85
CA GLY B 486 -3.24 31.46 -34.07
C GLY B 486 -2.78 30.02 -34.19
N GLN B 487 -2.64 29.34 -33.05
CA GLN B 487 -2.05 28.00 -33.01
C GLN B 487 -2.91 27.07 -32.18
N VAL B 488 -2.94 25.79 -32.60
CA VAL B 488 -3.80 24.80 -31.96
C VAL B 488 -3.31 24.46 -30.55
N ARG B 489 -4.20 23.87 -29.76
CA ARG B 489 -3.96 23.62 -28.34
C ARG B 489 -4.30 22.19 -27.96
N ARG B 490 -3.89 21.22 -28.76
CA ARG B 490 -4.15 19.82 -28.41
C ARG B 490 -3.17 19.36 -27.34
N VAL B 491 -3.71 18.93 -26.20
CA VAL B 491 -2.88 18.57 -25.06
C VAL B 491 -2.13 17.28 -25.32
N LYS B 492 -1.02 17.11 -24.61
CA LYS B 492 -0.26 15.86 -24.63
C LYS B 492 0.43 15.70 -23.29
N GLY B 493 0.89 14.48 -23.03
CA GLY B 493 1.48 14.13 -21.75
C GLY B 493 0.52 13.39 -20.84
N PHE B 494 1.10 12.68 -19.86
CA PHE B 494 0.29 11.84 -18.98
C PHE B 494 -0.70 12.65 -18.18
N HIS B 495 -0.36 13.88 -17.82
CA HIS B 495 -1.25 14.78 -17.10
C HIS B 495 -1.72 15.94 -17.97
N SER B 496 -1.59 15.83 -19.29
CA SER B 496 -2.04 16.86 -20.21
C SER B 496 -1.35 18.20 -19.96
N CYS B 497 -0.08 18.16 -19.56
CA CYS B 497 0.67 19.36 -19.20
C CYS B 497 1.52 19.90 -20.34
N CYS B 498 1.21 19.55 -21.60
CA CYS B 498 1.91 20.09 -22.74
C CYS B 498 0.92 20.35 -23.87
N TYR B 499 1.34 21.18 -24.83
CA TYR B 499 0.53 21.54 -25.97
C TYR B 499 1.36 21.46 -27.24
N ASP B 500 0.68 21.42 -28.38
CA ASP B 500 1.33 21.21 -29.66
C ASP B 500 1.54 22.49 -30.45
N CYS B 501 0.70 23.51 -30.32
CA CYS B 501 0.99 24.77 -31.04
C CYS B 501 0.86 24.69 -32.53
N VAL B 502 0.05 23.77 -33.08
CA VAL B 502 0.06 23.65 -34.52
C VAL B 502 -0.62 24.86 -35.14
N ASP B 503 -0.11 25.29 -36.29
CA ASP B 503 -0.49 26.57 -36.87
C ASP B 503 -1.91 26.53 -37.45
N CYS B 504 -2.65 27.62 -37.22
CA CYS B 504 -3.94 27.80 -37.86
C CYS B 504 -3.77 27.99 -39.36
N GLU B 505 -4.66 27.37 -40.14
CA GLU B 505 -4.46 27.29 -41.57
C GLU B 505 -4.73 28.60 -42.28
N ALA B 506 -4.00 28.84 -43.37
CA ALA B 506 -4.32 29.93 -44.27
C ALA B 506 -5.70 29.72 -44.88
N GLY B 507 -6.40 30.82 -45.14
CA GLY B 507 -7.78 30.74 -45.58
C GLY B 507 -8.77 30.55 -44.46
N SER B 508 -8.34 30.67 -43.21
CA SER B 508 -9.19 30.53 -42.04
C SER B 508 -8.78 31.59 -41.03
N TYR B 509 -9.64 31.80 -40.02
CA TYR B 509 -9.32 32.73 -38.94
C TYR B 509 -9.53 32.07 -37.59
N ARG B 510 -8.68 32.46 -36.64
CA ARG B 510 -8.71 31.95 -35.27
C ARG B 510 -9.83 32.61 -34.47
N GLN B 511 -11.00 31.97 -34.42
CA GLN B 511 -12.17 32.61 -33.84
C GLN B 511 -12.19 32.50 -32.32
N ASN B 512 -11.74 31.38 -31.76
CA ASN B 512 -11.84 31.12 -30.33
C ASN B 512 -10.46 31.08 -29.69
N PRO B 513 -10.13 32.00 -28.78
CA PRO B 513 -8.87 31.88 -28.03
C PRO B 513 -8.81 30.57 -27.26
N ASP B 514 -7.61 29.98 -27.21
CA ASP B 514 -7.35 28.81 -26.37
C ASP B 514 -8.18 27.60 -26.79
N ASP B 515 -8.93 27.71 -27.88
CA ASP B 515 -9.68 26.57 -28.38
C ASP B 515 -8.83 25.74 -29.34
N ILE B 516 -9.37 24.61 -29.76
CA ILE B 516 -8.68 23.74 -30.70
C ILE B 516 -8.81 24.26 -32.12
N ALA B 517 -10.03 24.64 -32.52
CA ALA B 517 -10.37 24.74 -33.93
C ALA B 517 -10.06 26.12 -34.50
N CYS B 518 -10.22 26.20 -35.83
CA CYS B 518 -10.07 27.45 -36.54
C CYS B 518 -11.27 27.44 -37.50
N THR B 519 -11.69 28.59 -38.00
CA THR B 519 -12.87 28.72 -38.84
C THR B 519 -12.49 29.23 -40.22
N PHE B 520 -13.06 28.62 -41.25
CA PHE B 520 -12.65 28.88 -42.63
C PHE B 520 -13.48 29.99 -43.26
N CYS B 521 -12.93 30.58 -44.32
CA CYS B 521 -13.45 31.81 -44.92
C CYS B 521 -14.05 31.56 -46.30
N GLY B 522 -14.63 32.63 -46.84
CA GLY B 522 -15.36 32.54 -48.10
C GLY B 522 -14.47 32.22 -49.29
N GLN B 523 -15.14 32.02 -50.42
CA GLN B 523 -14.46 31.55 -51.63
C GLN B 523 -13.47 32.58 -52.16
N ASP B 524 -13.80 33.86 -52.05
CA ASP B 524 -12.92 34.94 -52.48
C ASP B 524 -12.17 35.56 -51.30
N GLU B 525 -12.11 34.85 -50.18
CA GLU B 525 -11.64 35.38 -48.91
C GLU B 525 -10.34 34.70 -48.54
N TRP B 526 -9.31 35.49 -48.25
CA TRP B 526 -7.94 34.99 -48.11
C TRP B 526 -7.31 35.52 -46.83
N SER B 527 -6.35 34.76 -46.29
CA SER B 527 -5.71 35.11 -45.03
C SER B 527 -4.36 34.43 -44.96
N PRO B 528 -3.42 34.99 -44.19
CA PRO B 528 -2.17 34.27 -43.88
C PRO B 528 -2.40 33.12 -42.92
N GLU B 529 -1.34 32.34 -42.71
CA GLU B 529 -1.32 31.35 -41.65
C GLU B 529 -1.26 32.03 -40.29
N ARG B 530 -1.80 31.37 -39.28
CA ARG B 530 -1.89 31.90 -37.92
C ARG B 530 -2.75 33.16 -37.86
N SER B 531 -3.52 33.43 -38.91
CA SER B 531 -4.28 34.67 -39.01
C SER B 531 -5.51 34.64 -38.11
N THR B 532 -5.87 35.82 -37.58
CA THR B 532 -7.12 36.01 -36.86
C THR B 532 -8.21 36.59 -37.75
N ARG B 533 -7.91 36.86 -39.02
CA ARG B 533 -8.85 37.52 -39.91
C ARG B 533 -8.65 37.00 -41.33
N CYS B 534 -9.64 37.30 -42.17
CA CYS B 534 -9.56 37.06 -43.60
C CYS B 534 -9.88 38.34 -44.33
N PHE B 535 -9.52 38.38 -45.61
CA PHE B 535 -9.63 39.59 -46.41
C PHE B 535 -10.07 39.21 -47.83
N ARG B 536 -10.68 40.18 -48.52
CA ARG B 536 -11.16 39.98 -49.88
C ARG B 536 -10.04 39.48 -50.80
C8 A1CD7 C . -18.22 -3.85 8.63
C5 A1CD7 C . -19.10 -3.21 6.10
C6 A1CD7 C . -18.70 -4.52 6.33
C4 A1CD7 C . -19.06 -2.24 7.10
C1 A1CD7 C . -18.25 -1.99 10.70
C10 A1CD7 C . -17.76 -5.33 4.09
C11 A1CD7 C . -16.33 -4.87 4.51
C13 A1CD7 C . -13.96 -4.11 3.65
C14 A1CD7 C . -12.92 -4.48 2.62
C15 A1CD7 C . -11.43 -4.35 3.24
C18 A1CD7 C . -14.25 -2.56 3.66
C21 A1CD7 C . -13.51 -0.24 4.36
C22 A1CD7 C . -14.74 0.31 5.19
C23 A1CD7 C . -14.76 0.09 6.70
C24 A1CD7 C . -14.39 1.06 7.64
C25 A1CD7 C . -14.44 0.82 9.03
C26 A1CD7 C . -14.89 -0.41 9.51
C27 A1CD7 C . -15.27 -1.39 8.59
C28 A1CD7 C . -15.20 -1.13 7.22
C29 A1CD7 C . -12.17 0.32 4.80
C3 A1CD7 C . -18.62 -2.52 8.38
C32 A1CD7 C . -9.82 0.08 4.84
C7 A1CD7 C . -18.25 -4.81 7.62
C9 A1CD7 C . -18.73 -5.61 5.26
N12 A1CD7 C . -15.29 -4.94 3.35
N20 A1CD7 C . -13.35 -1.72 4.30
O16 A1CD7 C . -11.39 -3.54 4.20
O17 A1CD7 C . -10.58 -5.04 2.72
O19 A1CD7 C . -15.28 -2.16 3.11
O2 A1CD7 C . -18.58 -1.58 9.39
O30 A1CD7 C . -12.04 1.26 5.59
O31 A1CD7 C . -11.07 -0.27 4.27
O33 A1CD7 C . -19.48 -0.96 6.80
#